data_5U9P
#
_entry.id   5U9P
#
_cell.length_a   87.380
_cell.length_b   91.680
_cell.length_c   121.440
_cell.angle_alpha   90.000
_cell.angle_beta   90.000
_cell.angle_gamma   90.000
#
_symmetry.space_group_name_H-M   'P 21 21 21'
#
loop_
_entity.id
_entity.type
_entity.pdbx_description
1 polymer 'Gluconate 5-dehydrogenase'
2 non-polymer 'NADP NICOTINAMIDE-ADENINE-DINUCLEOTIDE PHOSPHATE'
3 non-polymer 'L(+)-TARTARIC ACID'
4 non-polymer 1,2-ETHANEDIOL
5 water water
#
_entity_poly.entity_id   1
_entity_poly.type   'polypeptide(L)'
_entity_poly.pdbx_seq_one_letter_code
;MAHHHHHHMTHALDRFRLDGRRALITGSGRGIGLTLARGLAEAGAAIVINDRNEEKAATLARRFRDEGFAADHAVFDVAE
HAQVRAAIDEFEARVGAIDILVNNAGIQRRAPLDAFEPDDWHALMRVNLDGVFNVAQAVARHMIARGHGKIINICSVQSE
LARPTIAPYAATKGAVRMLTKGMCADWARYGIQANGLAPGYFETELNRALVDDAAFSDWLCKRTPAGRWGQVDELCGAAI
FLASAASDFVNGQTLFVDGGLTSAV
;
_entity_poly.pdbx_strand_id   A,B,C,D
#
# COMPACT_ATOMS: atom_id res chain seq x y z
N HIS A 8 -35.18 12.07 11.88
CA HIS A 8 -33.85 11.47 11.95
C HIS A 8 -33.56 10.65 10.70
N MET A 9 -34.47 9.72 10.38
CA MET A 9 -34.21 8.78 9.27
C MET A 9 -34.08 9.52 7.95
N THR A 10 -34.85 10.59 7.77
CA THR A 10 -34.73 11.38 6.55
C THR A 10 -33.35 12.04 6.47
N HIS A 11 -32.87 12.59 7.59
CA HIS A 11 -31.54 13.19 7.64
C HIS A 11 -30.45 12.18 7.30
N ALA A 12 -30.55 10.96 7.83
CA ALA A 12 -29.50 9.98 7.63
C ALA A 12 -29.54 9.37 6.22
N LEU A 13 -30.73 8.97 5.75
CA LEU A 13 -30.79 8.45 4.39
C LEU A 13 -30.52 9.53 3.36
N ASP A 14 -30.80 10.80 3.72
CA ASP A 14 -30.51 11.90 2.81
C ASP A 14 -29.05 11.93 2.41
N ARG A 15 -28.16 11.51 3.31
CA ARG A 15 -26.74 11.41 2.96
C ARG A 15 -26.54 10.59 1.70
N PHE A 16 -27.35 9.55 1.52
CA PHE A 16 -27.10 8.55 0.49
C PHE A 16 -28.02 8.67 -0.72
N ARG A 17 -29.05 9.51 -0.64
CA ARG A 17 -29.99 9.64 -1.73
C ARG A 17 -29.35 10.32 -2.92
N LEU A 18 -29.78 9.93 -4.12
CA LEU A 18 -29.25 10.50 -5.35
C LEU A 18 -30.30 11.26 -6.14
N ASP A 19 -31.44 11.58 -5.55
CA ASP A 19 -32.46 12.40 -6.20
C ASP A 19 -31.86 13.67 -6.79
N GLY A 20 -32.27 13.99 -8.02
CA GLY A 20 -31.79 15.18 -8.72
C GLY A 20 -30.44 15.01 -9.40
N ARG A 21 -29.81 13.85 -9.29
CA ARG A 21 -28.53 13.59 -9.93
C ARG A 21 -28.71 12.59 -11.07
N ARG A 22 -27.83 12.69 -12.06
CA ARG A 22 -27.83 11.78 -13.20
C ARG A 22 -26.51 11.01 -13.23
N ALA A 23 -26.60 9.70 -13.38
CA ALA A 23 -25.44 8.80 -13.43
C ALA A 23 -25.36 8.10 -14.78
N LEU A 24 -24.19 8.16 -15.40
CA LEU A 24 -23.89 7.39 -16.60
CA LEU A 24 -23.89 7.39 -16.60
C LEU A 24 -23.00 6.22 -16.20
N ILE A 25 -23.35 5.02 -16.63
CA ILE A 25 -22.57 3.81 -16.31
C ILE A 25 -22.09 3.24 -17.64
N THR A 26 -20.77 3.22 -17.86
CA THR A 26 -20.30 2.70 -19.15
C THR A 26 -20.39 1.18 -19.15
N GLY A 27 -20.66 0.62 -20.32
CA GLY A 27 -20.74 -0.83 -20.42
C GLY A 27 -21.82 -1.42 -19.52
N SER A 28 -22.98 -0.78 -19.45
CA SER A 28 -24.06 -1.26 -18.59
C SER A 28 -25.09 -2.09 -19.33
N GLY A 29 -24.73 -2.66 -20.49
CA GLY A 29 -25.63 -3.59 -21.17
C GLY A 29 -25.83 -4.90 -20.43
N ARG A 30 -24.91 -5.26 -19.54
CA ARG A 30 -24.99 -6.53 -18.81
C ARG A 30 -23.97 -6.46 -17.66
N GLY A 31 -23.98 -7.50 -16.83
CA GLY A 31 -22.92 -7.64 -15.83
C GLY A 31 -23.00 -6.63 -14.69
N ILE A 32 -21.84 -6.35 -14.08
CA ILE A 32 -21.80 -5.45 -12.94
C ILE A 32 -22.35 -4.07 -13.30
N GLY A 33 -22.08 -3.60 -14.53
CA GLY A 33 -22.56 -2.28 -14.93
C GLY A 33 -24.08 -2.16 -14.90
N LEU A 34 -24.77 -3.20 -15.36
CA LEU A 34 -26.23 -3.21 -15.31
C LEU A 34 -26.73 -3.26 -13.87
N THR A 35 -26.06 -4.05 -13.02
CA THR A 35 -26.47 -4.10 -11.62
C THR A 35 -26.30 -2.75 -10.95
N LEU A 36 -25.16 -2.08 -11.20
CA LEU A 36 -24.92 -0.80 -10.58
C LEU A 36 -25.89 0.26 -11.10
N ALA A 37 -26.22 0.21 -12.41
CA ALA A 37 -27.23 1.12 -12.93
C ALA A 37 -28.54 0.97 -12.16
N ARG A 38 -28.97 -0.27 -11.90
CA ARG A 38 -30.20 -0.47 -11.14
C ARG A 38 -30.07 0.02 -9.71
N GLY A 39 -28.93 -0.25 -9.06
CA GLY A 39 -28.79 0.19 -7.69
C GLY A 39 -28.81 1.70 -7.56
N LEU A 40 -28.17 2.39 -8.52
CA LEU A 40 -28.12 3.84 -8.47
C LEU A 40 -29.50 4.43 -8.72
N ALA A 41 -30.26 3.83 -9.63
CA ALA A 41 -31.61 4.31 -9.89
C ALA A 41 -32.51 4.06 -8.68
N GLU A 42 -32.31 2.94 -7.98
CA GLU A 42 -33.09 2.67 -6.78
C GLU A 42 -32.82 3.70 -5.70
N ALA A 43 -31.60 4.24 -5.65
CA ALA A 43 -31.24 5.31 -4.72
C ALA A 43 -31.69 6.68 -5.18
N GLY A 44 -32.34 6.80 -6.33
CA GLY A 44 -32.93 8.05 -6.75
C GLY A 44 -32.31 8.71 -7.97
N ALA A 45 -31.24 8.16 -8.52
CA ALA A 45 -30.57 8.78 -9.66
C ALA A 45 -31.33 8.51 -10.95
N ALA A 46 -31.36 9.52 -11.81
CA ALA A 46 -31.64 9.26 -13.21
C ALA A 46 -30.42 8.57 -13.79
N ILE A 47 -30.64 7.57 -14.63
CA ILE A 47 -29.50 6.79 -15.11
C ILE A 47 -29.41 6.88 -16.63
N VAL A 48 -28.19 6.62 -17.12
CA VAL A 48 -27.90 6.56 -18.55
C VAL A 48 -27.23 5.23 -18.83
N ILE A 49 -27.89 4.40 -19.64
CA ILE A 49 -27.31 3.13 -20.07
C ILE A 49 -26.37 3.37 -21.24
N ASN A 50 -25.19 2.74 -21.21
CA ASN A 50 -24.24 2.79 -22.30
C ASN A 50 -23.97 1.38 -22.80
N ASP A 51 -24.02 1.23 -24.13
CA ASP A 51 -23.66 -0.01 -24.81
C ASP A 51 -23.16 0.44 -26.17
N ARG A 52 -22.35 -0.40 -26.81
CA ARG A 52 -21.94 -0.13 -28.18
C ARG A 52 -23.07 -0.33 -29.17
N ASN A 53 -24.11 -1.05 -28.78
CA ASN A 53 -25.18 -1.40 -29.71
C ASN A 53 -26.44 -0.63 -29.32
N GLU A 54 -26.91 0.23 -30.23
CA GLU A 54 -28.05 1.08 -29.93
C GLU A 54 -29.26 0.26 -29.48
N GLU A 55 -29.51 -0.88 -30.13
CA GLU A 55 -30.75 -1.58 -29.82
C GLU A 55 -30.71 -2.15 -28.40
N LYS A 56 -29.51 -2.53 -27.92
CA LYS A 56 -29.42 -3.03 -26.55
C LYS A 56 -29.62 -1.91 -25.54
N ALA A 57 -28.93 -0.79 -25.74
CA ALA A 57 -29.03 0.32 -24.81
C ALA A 57 -30.44 0.90 -24.79
N ALA A 58 -31.03 1.08 -25.97
CA ALA A 58 -32.38 1.63 -26.04
C ALA A 58 -33.40 0.72 -25.36
N THR A 59 -33.27 -0.60 -25.57
CA THR A 59 -34.19 -1.55 -24.97
C THR A 59 -34.07 -1.52 -23.45
N LEU A 60 -32.85 -1.56 -22.93
CA LEU A 60 -32.66 -1.50 -21.48
C LEU A 60 -33.20 -0.21 -20.87
N ALA A 61 -32.93 0.93 -21.51
CA ALA A 61 -33.38 2.21 -20.94
C ALA A 61 -34.90 2.26 -20.88
N ARG A 62 -35.57 1.73 -21.91
CA ARG A 62 -37.03 1.68 -21.90
C ARG A 62 -37.53 0.76 -20.79
N ARG A 63 -36.83 -0.36 -20.57
CA ARG A 63 -37.23 -1.29 -19.52
C ARG A 63 -37.13 -0.62 -18.15
N PHE A 64 -36.09 0.17 -17.91
CA PHE A 64 -36.00 0.93 -16.67
CA PHE A 64 -36.02 0.90 -16.65
C PHE A 64 -37.16 1.91 -16.54
N ARG A 65 -37.52 2.56 -17.64
CA ARG A 65 -38.62 3.52 -17.57
C ARG A 65 -39.94 2.82 -17.29
N ASP A 66 -40.11 1.63 -17.87
CA ASP A 66 -41.34 0.87 -17.62
C ASP A 66 -41.44 0.43 -16.17
N GLU A 67 -40.31 0.33 -15.49
CA GLU A 67 -40.32 -0.03 -14.08
C GLU A 67 -40.40 1.19 -13.17
N GLY A 68 -40.53 2.39 -13.73
CA GLY A 68 -40.73 3.60 -12.96
C GLY A 68 -39.50 4.47 -12.72
N PHE A 69 -38.35 4.12 -13.31
CA PHE A 69 -37.13 4.89 -13.13
C PHE A 69 -37.01 5.96 -14.22
N ALA A 70 -36.20 6.98 -13.95
CA ALA A 70 -35.81 7.93 -14.99
C ALA A 70 -34.56 7.36 -15.66
N ALA A 71 -34.62 7.18 -16.99
CA ALA A 71 -33.51 6.51 -17.64
C ALA A 71 -33.43 6.94 -19.10
N ASP A 72 -32.20 7.07 -19.60
CA ASP A 72 -31.94 7.38 -20.99
C ASP A 72 -30.77 6.50 -21.42
N HIS A 73 -30.24 6.73 -22.62
CA HIS A 73 -29.09 5.94 -23.06
C HIS A 73 -28.17 6.79 -23.91
N ALA A 74 -26.90 6.38 -23.97
CA ALA A 74 -25.88 7.06 -24.77
C ALA A 74 -24.97 5.99 -25.33
N VAL A 75 -24.90 5.89 -26.66
CA VAL A 75 -24.19 4.80 -27.33
C VAL A 75 -22.80 5.27 -27.71
N PHE A 76 -21.78 4.50 -27.30
CA PHE A 76 -20.41 4.74 -27.75
C PHE A 76 -19.54 3.57 -27.34
N ASP A 77 -18.40 3.46 -28.03
CA ASP A 77 -17.30 2.57 -27.72
C ASP A 77 -16.31 3.36 -26.87
N VAL A 78 -16.10 2.94 -25.62
CA VAL A 78 -15.26 3.74 -24.71
C VAL A 78 -13.84 3.95 -25.25
N ALA A 79 -13.37 3.06 -26.12
CA ALA A 79 -12.01 3.12 -26.65
C ALA A 79 -11.83 4.19 -27.72
N GLU A 80 -12.91 4.78 -28.22
CA GLU A 80 -12.84 5.75 -29.31
C GLU A 80 -12.89 7.16 -28.74
N HIS A 81 -11.74 7.83 -28.65
CA HIS A 81 -11.64 9.10 -27.94
C HIS A 81 -12.61 10.14 -28.50
N ALA A 82 -12.50 10.44 -29.81
CA ALA A 82 -13.31 11.52 -30.38
C ALA A 82 -14.78 11.16 -30.40
N GLN A 83 -15.10 9.89 -30.62
CA GLN A 83 -16.50 9.45 -30.62
C GLN A 83 -17.15 9.64 -29.26
N VAL A 84 -16.42 9.26 -28.20
CA VAL A 84 -16.88 9.48 -26.83
C VAL A 84 -17.11 10.96 -26.57
N ARG A 85 -16.13 11.80 -26.92
CA ARG A 85 -16.26 13.24 -26.68
C ARG A 85 -17.51 13.79 -27.36
N ALA A 86 -17.75 13.41 -28.61
CA ALA A 86 -18.93 13.91 -29.32
C ALA A 86 -20.21 13.42 -28.66
N ALA A 87 -20.24 12.14 -28.27
CA ALA A 87 -21.44 11.57 -27.67
C ALA A 87 -21.77 12.19 -26.32
N ILE A 88 -20.75 12.41 -25.48
CA ILE A 88 -20.96 13.05 -24.18
C ILE A 88 -21.43 14.49 -24.38
N ASP A 89 -20.74 15.25 -25.24
CA ASP A 89 -21.13 16.65 -25.45
C ASP A 89 -22.53 16.73 -26.01
N GLU A 90 -22.89 15.79 -26.90
CA GLU A 90 -24.25 15.81 -27.45
CA GLU A 90 -24.25 15.78 -27.46
C GLU A 90 -25.28 15.49 -26.37
N PHE A 91 -25.01 14.50 -25.52
CA PHE A 91 -25.92 14.20 -24.42
C PHE A 91 -26.08 15.41 -23.49
N GLU A 92 -24.97 16.03 -23.10
CA GLU A 92 -25.06 17.20 -22.23
C GLU A 92 -25.86 18.33 -22.88
N ALA A 93 -25.70 18.51 -24.20
CA ALA A 93 -26.38 19.62 -24.85
C ALA A 93 -27.87 19.37 -25.01
N ARG A 94 -28.28 18.13 -25.29
CA ARG A 94 -29.66 17.80 -25.65
C ARG A 94 -30.50 17.34 -24.46
N VAL A 95 -29.91 16.57 -23.55
CA VAL A 95 -30.63 15.99 -22.42
C VAL A 95 -30.30 16.72 -21.12
N GLY A 96 -29.03 16.79 -20.75
CA GLY A 96 -28.66 17.58 -19.60
C GLY A 96 -27.45 16.99 -18.90
N ALA A 97 -27.25 17.44 -17.66
CA ALA A 97 -25.99 17.24 -16.97
C ALA A 97 -25.81 15.79 -16.53
N ILE A 98 -24.58 15.28 -16.70
CA ILE A 98 -24.15 14.04 -16.10
C ILE A 98 -23.38 14.37 -14.82
N ASP A 99 -23.90 13.93 -13.67
CA ASP A 99 -23.32 14.28 -12.37
C ASP A 99 -22.46 13.17 -11.76
N ILE A 100 -22.65 11.95 -12.24
CA ILE A 100 -22.00 10.74 -11.71
C ILE A 100 -21.57 9.95 -12.93
N LEU A 101 -20.29 9.60 -12.99
CA LEU A 101 -19.76 8.75 -14.05
C LEU A 101 -19.21 7.48 -13.40
N VAL A 102 -19.70 6.33 -13.84
CA VAL A 102 -19.12 5.04 -13.42
C VAL A 102 -18.41 4.46 -14.64
N ASN A 103 -17.08 4.42 -14.57
CA ASN A 103 -16.27 3.81 -15.62
C ASN A 103 -16.18 2.31 -15.37
N ASN A 104 -17.14 1.58 -15.94
CA ASN A 104 -17.30 0.15 -15.68
C ASN A 104 -16.89 -0.74 -16.85
N ALA A 105 -17.03 -0.27 -18.10
CA ALA A 105 -16.70 -1.09 -19.26
C ALA A 105 -15.30 -1.70 -19.12
N GLY A 106 -15.19 -3.00 -19.38
CA GLY A 106 -13.90 -3.67 -19.26
C GLY A 106 -13.93 -5.07 -19.85
N ILE A 107 -12.73 -5.59 -20.14
CA ILE A 107 -12.57 -6.95 -20.66
C ILE A 107 -11.41 -7.65 -19.95
N GLN A 108 -11.33 -8.95 -20.16
CA GLN A 108 -10.31 -9.80 -19.56
C GLN A 108 -9.81 -10.74 -20.66
N ARG A 109 -8.49 -10.95 -20.69
CA ARG A 109 -7.89 -11.90 -21.63
C ARG A 109 -6.75 -12.59 -20.89
N ARG A 110 -6.77 -13.93 -20.76
CA ARG A 110 -5.84 -14.62 -19.87
C ARG A 110 -4.84 -15.48 -20.64
N ALA A 111 -3.55 -15.32 -20.33
CA ALA A 111 -2.46 -16.10 -20.89
C ALA A 111 -1.19 -15.84 -20.11
N PRO A 112 -0.29 -16.82 -19.96
CA PRO A 112 1.03 -16.54 -19.39
C PRO A 112 1.68 -15.40 -20.17
N LEU A 113 2.36 -14.51 -19.44
CA LEU A 113 2.80 -13.27 -20.08
C LEU A 113 3.77 -13.53 -21.23
N ASP A 114 4.60 -14.58 -21.15
CA ASP A 114 5.55 -14.81 -22.22
C ASP A 114 4.88 -15.24 -23.51
N ALA A 115 3.63 -15.69 -23.44
CA ALA A 115 2.89 -16.14 -24.61
C ALA A 115 1.78 -15.15 -24.98
N PHE A 116 1.70 -14.03 -24.27
CA PHE A 116 0.57 -13.12 -24.46
C PHE A 116 0.59 -12.52 -25.86
N GLU A 117 -0.58 -12.53 -26.51
CA GLU A 117 -0.67 -12.02 -27.87
C GLU A 117 -0.72 -10.49 -27.85
N PRO A 118 0.06 -9.82 -28.71
CA PRO A 118 -0.01 -8.35 -28.73
CA PRO A 118 -0.02 -8.35 -28.71
C PRO A 118 -1.42 -7.82 -29.00
N ASP A 119 -2.20 -8.52 -29.83
CA ASP A 119 -3.56 -8.10 -30.10
C ASP A 119 -4.41 -8.10 -28.83
N ASP A 120 -4.20 -9.09 -27.95
CA ASP A 120 -4.92 -9.10 -26.67
C ASP A 120 -4.40 -8.03 -25.73
N TRP A 121 -3.08 -7.81 -25.70
CA TRP A 121 -2.54 -6.71 -24.92
C TRP A 121 -3.20 -5.40 -25.33
N HIS A 122 -3.25 -5.14 -26.63
CA HIS A 122 -3.79 -3.88 -27.13
C HIS A 122 -5.27 -3.75 -26.82
N ALA A 123 -6.05 -4.84 -26.96
CA ALA A 123 -7.48 -4.78 -26.64
C ALA A 123 -7.70 -4.38 -25.19
N LEU A 124 -6.96 -5.00 -24.28
CA LEU A 124 -7.08 -4.68 -22.86
C LEU A 124 -6.77 -3.19 -22.60
N MET A 125 -5.68 -2.69 -23.19
CA MET A 125 -5.29 -1.29 -22.96
C MET A 125 -6.34 -0.35 -23.47
N ARG A 126 -6.89 -0.62 -24.66
CA ARG A 126 -7.85 0.30 -25.28
C ARG A 126 -9.13 0.41 -24.46
N VAL A 127 -9.67 -0.72 -23.99
CA VAL A 127 -10.93 -0.67 -23.25
C VAL A 127 -10.69 -0.26 -21.80
N ASN A 128 -9.80 -0.97 -21.10
CA ASN A 128 -9.72 -0.84 -19.64
C ASN A 128 -8.98 0.42 -19.19
N LEU A 129 -8.14 1.00 -20.05
CA LEU A 129 -7.30 2.15 -19.69
C LEU A 129 -7.62 3.37 -20.57
N ASP A 130 -7.40 3.30 -21.88
CA ASP A 130 -7.83 4.41 -22.76
C ASP A 130 -9.28 4.77 -22.49
N GLY A 131 -10.13 3.75 -22.35
CA GLY A 131 -11.57 3.99 -22.21
C GLY A 131 -11.90 4.79 -20.97
N VAL A 132 -11.20 4.53 -19.87
CA VAL A 132 -11.43 5.30 -18.65
C VAL A 132 -11.04 6.76 -18.86
N PHE A 133 -9.89 6.99 -19.52
CA PHE A 133 -9.47 8.36 -19.86
C PHE A 133 -10.47 9.02 -20.77
N ASN A 134 -10.90 8.31 -21.81
CA ASN A 134 -11.75 8.91 -22.83
C ASN A 134 -13.06 9.41 -22.23
N VAL A 135 -13.68 8.59 -21.38
CA VAL A 135 -15.00 9.00 -20.90
C VAL A 135 -14.84 9.97 -19.74
N ALA A 136 -13.84 9.76 -18.87
CA ALA A 136 -13.65 10.69 -17.76
C ALA A 136 -13.29 12.09 -18.27
N GLN A 137 -12.37 12.19 -19.24
CA GLN A 137 -12.04 13.53 -19.74
C GLN A 137 -13.29 14.22 -20.28
N ALA A 138 -14.06 13.49 -21.09
CA ALA A 138 -15.17 14.13 -21.78
C ALA A 138 -16.22 14.61 -20.78
N VAL A 139 -16.55 13.77 -19.79
CA VAL A 139 -17.57 14.14 -18.80
C VAL A 139 -17.04 15.18 -17.82
N ALA A 140 -15.79 15.02 -17.37
CA ALA A 140 -15.24 15.92 -16.35
C ALA A 140 -15.22 17.36 -16.83
N ARG A 141 -15.03 17.61 -18.13
CA ARG A 141 -15.06 18.98 -18.61
C ARG A 141 -16.34 19.68 -18.18
N HIS A 142 -17.47 18.97 -18.24
CA HIS A 142 -18.76 19.54 -17.86
C HIS A 142 -18.91 19.64 -16.36
N MET A 143 -18.49 18.59 -15.63
CA MET A 143 -18.56 18.60 -14.17
C MET A 143 -17.75 19.74 -13.57
N ILE A 144 -16.50 19.90 -14.04
CA ILE A 144 -15.64 20.98 -13.56
C ILE A 144 -16.30 22.34 -13.76
N ALA A 145 -16.92 22.54 -14.92
CA ALA A 145 -17.57 23.81 -15.22
C ALA A 145 -18.72 24.07 -14.26
N ARG A 146 -19.48 23.02 -13.94
CA ARG A 146 -20.55 23.17 -12.96
C ARG A 146 -20.03 23.26 -11.53
N GLY A 147 -18.83 22.77 -11.26
CA GLY A 147 -18.28 22.78 -9.90
C GLY A 147 -18.70 21.63 -9.01
N HIS A 148 -19.21 20.54 -9.58
CA HIS A 148 -19.53 19.36 -8.77
C HIS A 148 -19.59 18.13 -9.66
N GLY A 149 -19.21 16.99 -9.11
CA GLY A 149 -19.36 15.74 -9.84
C GLY A 149 -18.72 14.59 -9.09
N LYS A 150 -19.11 13.36 -9.48
CA LYS A 150 -18.58 12.13 -8.91
C LYS A 150 -18.08 11.26 -10.05
N ILE A 151 -16.87 10.73 -9.92
CA ILE A 151 -16.34 9.76 -10.87
C ILE A 151 -15.95 8.52 -10.09
N ILE A 152 -16.44 7.37 -10.55
CA ILE A 152 -16.22 6.09 -9.87
C ILE A 152 -15.60 5.16 -10.90
N ASN A 153 -14.35 4.76 -10.69
CA ASN A 153 -13.66 3.92 -11.67
C ASN A 153 -13.63 2.48 -11.15
N ILE A 154 -14.13 1.54 -11.95
CA ILE A 154 -14.18 0.15 -11.47
C ILE A 154 -12.79 -0.47 -11.60
N CYS A 155 -12.20 -0.83 -10.47
CA CYS A 155 -10.85 -1.39 -10.41
C CYS A 155 -10.94 -2.91 -10.28
N SER A 156 -10.10 -3.52 -9.44
CA SER A 156 -10.07 -4.98 -9.32
C SER A 156 -9.13 -5.34 -8.18
N VAL A 157 -9.22 -6.59 -7.70
CA VAL A 157 -8.17 -7.11 -6.83
C VAL A 157 -6.83 -6.93 -7.49
N GLN A 158 -6.78 -7.01 -8.82
CA GLN A 158 -5.51 -6.88 -9.54
C GLN A 158 -5.03 -5.44 -9.64
N SER A 159 -5.73 -4.49 -9.02
CA SER A 159 -5.14 -3.18 -8.74
C SER A 159 -4.11 -3.25 -7.64
N GLU A 160 -4.01 -4.38 -6.92
CA GLU A 160 -3.07 -4.53 -5.80
C GLU A 160 -2.32 -5.85 -5.82
N LEU A 161 -3.00 -6.97 -6.09
CA LEU A 161 -2.37 -8.29 -6.00
C LEU A 161 -2.46 -9.01 -7.35
N ALA A 162 -1.32 -9.55 -7.80
CA ALA A 162 -1.26 -10.20 -9.10
C ALA A 162 -1.77 -11.64 -9.02
N ARG A 163 -2.22 -12.16 -10.16
CA ARG A 163 -2.53 -13.58 -10.28
C ARG A 163 -1.94 -14.08 -11.58
N PRO A 164 -1.42 -15.31 -11.62
CA PRO A 164 -0.86 -15.82 -12.87
C PRO A 164 -1.86 -15.76 -14.00
N THR A 165 -1.34 -15.49 -15.20
CA THR A 165 -2.00 -15.39 -16.51
C THR A 165 -2.78 -14.09 -16.70
N ILE A 166 -2.86 -13.18 -15.72
CA ILE A 166 -3.56 -11.92 -15.99
C ILE A 166 -2.68 -10.72 -15.68
N ALA A 167 -1.38 -10.80 -16.01
CA ALA A 167 -0.53 -9.65 -15.78
C ALA A 167 -0.96 -8.43 -16.60
N PRO A 168 -1.38 -8.54 -17.87
CA PRO A 168 -1.78 -7.33 -18.60
C PRO A 168 -3.03 -6.68 -18.01
N TYR A 169 -4.02 -7.48 -17.65
CA TYR A 169 -5.19 -6.91 -16.96
C TYR A 169 -4.79 -6.19 -15.67
N ALA A 170 -3.89 -6.81 -14.90
CA ALA A 170 -3.40 -6.16 -13.70
C ALA A 170 -2.74 -4.83 -14.03
N ALA A 171 -1.96 -4.77 -15.11
CA ALA A 171 -1.39 -3.48 -15.51
C ALA A 171 -2.50 -2.46 -15.75
N THR A 172 -3.59 -2.85 -16.42
CA THR A 172 -4.64 -1.87 -16.67
C THR A 172 -5.30 -1.42 -15.36
N LYS A 173 -5.44 -2.34 -14.40
CA LYS A 173 -6.17 -1.97 -13.19
C LYS A 173 -5.28 -1.21 -12.19
N GLY A 174 -3.97 -1.49 -12.19
CA GLY A 174 -3.05 -0.61 -11.46
C GLY A 174 -3.02 0.78 -12.06
N ALA A 175 -3.07 0.86 -13.40
CA ALA A 175 -3.17 2.15 -14.08
C ALA A 175 -4.42 2.91 -13.65
N VAL A 176 -5.56 2.24 -13.62
CA VAL A 176 -6.80 2.94 -13.28
C VAL A 176 -6.76 3.41 -11.83
N ARG A 177 -6.19 2.61 -10.94
CA ARG A 177 -6.09 3.04 -9.55
C ARG A 177 -5.26 4.32 -9.42
N MET A 178 -4.13 4.40 -10.15
CA MET A 178 -3.33 5.64 -10.07
C MET A 178 -4.00 6.77 -10.84
N LEU A 179 -4.63 6.46 -11.99
CA LEU A 179 -5.32 7.51 -12.73
C LEU A 179 -6.39 8.15 -11.86
N THR A 180 -7.03 7.34 -11.02
CA THR A 180 -8.02 7.85 -10.07
C THR A 180 -7.39 8.89 -9.15
N LYS A 181 -6.20 8.59 -8.62
CA LYS A 181 -5.52 9.58 -7.78
C LYS A 181 -5.19 10.82 -8.58
N GLY A 182 -4.83 10.65 -9.85
CA GLY A 182 -4.52 11.80 -10.69
C GLY A 182 -5.74 12.66 -10.96
N MET A 183 -6.90 12.03 -11.15
CA MET A 183 -8.12 12.79 -11.31
C MET A 183 -8.40 13.64 -10.08
N CYS A 184 -8.22 13.05 -8.90
CA CYS A 184 -8.35 13.80 -7.66
C CYS A 184 -7.37 14.96 -7.60
N ALA A 185 -6.11 14.71 -7.96
CA ALA A 185 -5.12 15.77 -7.87
C ALA A 185 -5.48 16.94 -8.79
N ASP A 186 -6.01 16.65 -9.99
CA ASP A 186 -6.35 17.73 -10.91
C ASP A 186 -7.70 18.37 -10.63
N TRP A 187 -8.67 17.62 -10.10
CA TRP A 187 -10.06 18.07 -10.15
C TRP A 187 -10.75 18.21 -8.79
N ALA A 188 -10.14 17.75 -7.70
CA ALA A 188 -10.77 17.96 -6.38
C ALA A 188 -11.04 19.43 -6.13
N ARG A 189 -10.18 20.32 -6.65
CA ARG A 189 -10.30 21.75 -6.46
C ARG A 189 -11.56 22.30 -7.10
N TYR A 190 -12.11 21.57 -8.07
CA TYR A 190 -13.33 21.98 -8.75
C TYR A 190 -14.55 21.27 -8.20
N GLY A 191 -14.43 20.59 -7.07
CA GLY A 191 -15.59 19.95 -6.48
C GLY A 191 -15.91 18.59 -7.04
N ILE A 192 -14.96 17.95 -7.69
CA ILE A 192 -15.10 16.57 -8.18
C ILE A 192 -14.50 15.63 -7.15
N GLN A 193 -15.22 14.56 -6.81
CA GLN A 193 -14.63 13.45 -6.06
C GLN A 193 -14.44 12.28 -7.01
N ALA A 194 -13.19 11.86 -7.17
CA ALA A 194 -12.87 10.73 -8.06
C ALA A 194 -12.30 9.60 -7.21
N ASN A 195 -12.93 8.43 -7.28
CA ASN A 195 -12.57 7.31 -6.43
C ASN A 195 -12.66 6.02 -7.22
N GLY A 196 -12.01 4.98 -6.71
CA GLY A 196 -12.08 3.65 -7.29
C GLY A 196 -12.96 2.74 -6.47
N LEU A 197 -13.60 1.79 -7.16
CA LEU A 197 -14.37 0.73 -6.51
C LEU A 197 -13.79 -0.57 -7.08
N ALA A 198 -13.11 -1.37 -6.23
CA ALA A 198 -12.39 -2.55 -6.70
C ALA A 198 -13.15 -3.79 -6.25
N PRO A 199 -13.95 -4.42 -7.12
CA PRO A 199 -14.61 -5.67 -6.74
C PRO A 199 -13.58 -6.78 -6.55
N GLY A 200 -13.93 -7.73 -5.66
CA GLY A 200 -13.25 -9.01 -5.57
C GLY A 200 -13.68 -9.94 -6.69
N TYR A 201 -14.35 -11.05 -6.36
CA TYR A 201 -14.70 -12.08 -7.35
C TYR A 201 -16.21 -12.29 -7.40
N PHE A 202 -16.78 -12.15 -8.60
CA PHE A 202 -18.21 -12.19 -8.87
C PHE A 202 -18.47 -13.04 -10.10
N GLU A 203 -19.62 -13.71 -10.11
CA GLU A 203 -20.02 -14.59 -11.21
C GLU A 203 -20.65 -13.70 -12.28
N THR A 204 -19.84 -13.25 -13.23
CA THR A 204 -20.30 -12.60 -14.44
C THR A 204 -19.69 -13.32 -15.64
N GLU A 205 -20.12 -12.95 -16.84
CA GLU A 205 -19.52 -13.59 -18.02
C GLU A 205 -18.01 -13.29 -18.11
N LEU A 206 -17.54 -12.19 -17.52
CA LEU A 206 -16.11 -11.92 -17.49
C LEU A 206 -15.36 -13.10 -16.89
N ASN A 207 -15.97 -13.74 -15.90
CA ASN A 207 -15.34 -14.80 -15.11
C ASN A 207 -15.95 -16.17 -15.35
N ARG A 208 -16.61 -16.37 -16.50
CA ARG A 208 -17.24 -17.66 -16.81
C ARG A 208 -16.25 -18.82 -16.70
N ALA A 209 -15.01 -18.62 -17.19
CA ALA A 209 -14.04 -19.73 -17.15
C ALA A 209 -13.65 -20.05 -15.71
N LEU A 210 -13.70 -19.07 -14.82
CA LEU A 210 -13.37 -19.29 -13.41
C LEU A 210 -14.51 -19.96 -12.67
N VAL A 211 -15.74 -19.49 -12.91
CA VAL A 211 -16.92 -20.11 -12.30
C VAL A 211 -16.99 -21.58 -12.66
N ASP A 212 -16.67 -21.92 -13.91
CA ASP A 212 -16.77 -23.29 -14.42
C ASP A 212 -15.59 -24.16 -14.04
N ASP A 213 -14.60 -23.61 -13.36
CA ASP A 213 -13.37 -24.33 -13.00
C ASP A 213 -13.47 -24.63 -11.51
N ALA A 214 -13.85 -25.87 -11.17
CA ALA A 214 -14.08 -26.22 -9.77
C ALA A 214 -12.82 -26.03 -8.93
N ALA A 215 -11.63 -26.24 -9.51
CA ALA A 215 -10.40 -26.03 -8.74
C ALA A 215 -10.21 -24.56 -8.41
N PHE A 216 -10.50 -23.66 -9.35
CA PHE A 216 -10.41 -22.24 -9.05
C PHE A 216 -11.38 -21.85 -7.94
N SER A 217 -12.62 -22.32 -8.04
CA SER A 217 -13.62 -21.96 -7.04
CA SER A 217 -13.62 -21.95 -7.04
C SER A 217 -13.24 -22.47 -5.66
N ASP A 218 -12.72 -23.70 -5.61
CA ASP A 218 -12.23 -24.26 -4.36
C ASP A 218 -11.13 -23.38 -3.78
N TRP A 219 -10.17 -22.99 -4.62
CA TRP A 219 -9.09 -22.10 -4.18
C TRP A 219 -9.65 -20.77 -3.69
N LEU A 220 -10.60 -20.19 -4.43
CA LEU A 220 -11.10 -18.86 -4.11
C LEU A 220 -11.81 -18.83 -2.77
N CYS A 221 -12.63 -19.85 -2.49
CA CYS A 221 -13.35 -19.87 -1.22
C CYS A 221 -12.39 -20.06 -0.05
N LYS A 222 -11.25 -20.73 -0.27
CA LYS A 222 -10.26 -20.83 0.80
C LYS A 222 -9.44 -19.55 0.91
N ARG A 223 -9.26 -18.84 -0.19
CA ARG A 223 -8.43 -17.64 -0.21
C ARG A 223 -9.16 -16.43 0.38
N THR A 224 -10.49 -16.44 0.34
CA THR A 224 -11.30 -15.28 0.72
C THR A 224 -11.74 -15.43 2.16
N PRO A 225 -11.44 -14.49 3.07
CA PRO A 225 -11.88 -14.68 4.47
C PRO A 225 -13.37 -14.91 4.59
N ALA A 226 -14.19 -14.21 3.80
CA ALA A 226 -15.63 -14.43 3.78
C ALA A 226 -16.00 -15.84 3.32
N GLY A 227 -15.11 -16.52 2.60
CA GLY A 227 -15.29 -17.92 2.24
C GLY A 227 -16.21 -18.20 1.07
N ARG A 228 -16.42 -17.24 0.18
CA ARG A 228 -17.41 -17.37 -0.88
C ARG A 228 -17.13 -16.34 -1.96
N TRP A 229 -17.69 -16.61 -3.14
CA TRP A 229 -17.85 -15.59 -4.17
C TRP A 229 -18.71 -14.44 -3.64
N GLY A 230 -18.45 -13.23 -4.15
CA GLY A 230 -19.39 -12.14 -3.99
C GLY A 230 -20.60 -12.33 -4.87
N GLN A 231 -21.70 -11.66 -4.49
CA GLN A 231 -22.89 -11.55 -5.33
C GLN A 231 -23.00 -10.10 -5.80
N VAL A 232 -23.35 -9.89 -7.07
CA VAL A 232 -23.14 -8.56 -7.66
C VAL A 232 -23.91 -7.45 -6.90
N ASP A 233 -25.05 -7.77 -6.29
CA ASP A 233 -25.78 -6.71 -5.57
C ASP A 233 -24.97 -6.17 -4.40
N GLU A 234 -23.97 -6.91 -3.94
CA GLU A 234 -23.11 -6.47 -2.83
C GLU A 234 -22.16 -5.34 -3.23
N LEU A 235 -22.15 -4.95 -4.51
CA LEU A 235 -21.37 -3.80 -4.97
C LEU A 235 -22.18 -2.51 -5.00
N CYS A 236 -23.52 -2.58 -4.93
CA CYS A 236 -24.35 -1.39 -5.08
C CYS A 236 -24.13 -0.41 -3.94
N GLY A 237 -23.98 -0.94 -2.72
CA GLY A 237 -23.79 -0.08 -1.57
C GLY A 237 -22.58 0.83 -1.74
N ALA A 238 -21.44 0.24 -2.10
CA ALA A 238 -20.23 1.03 -2.30
C ALA A 238 -20.43 2.07 -3.40
N ALA A 239 -21.12 1.70 -4.48
CA ALA A 239 -21.28 2.65 -5.58
C ALA A 239 -22.16 3.81 -5.18
N ILE A 240 -23.26 3.53 -4.48
CA ILE A 240 -24.14 4.61 -4.01
C ILE A 240 -23.40 5.53 -3.04
N PHE A 241 -22.66 4.95 -2.09
CA PHE A 241 -21.84 5.74 -1.18
C PHE A 241 -20.91 6.70 -1.93
N LEU A 242 -20.13 6.17 -2.89
CA LEU A 242 -19.19 6.98 -3.63
C LEU A 242 -19.88 7.95 -4.61
N ALA A 243 -21.15 7.74 -4.92
CA ALA A 243 -21.87 8.67 -5.78
C ALA A 243 -22.63 9.75 -5.01
N SER A 244 -22.69 9.68 -3.69
CA SER A 244 -23.60 10.48 -2.88
C SER A 244 -22.86 11.53 -2.06
N ALA A 245 -23.64 12.41 -1.40
CA ALA A 245 -23.05 13.40 -0.51
C ALA A 245 -22.32 12.76 0.66
N ALA A 246 -22.64 11.50 0.99
CA ALA A 246 -21.99 10.82 2.10
C ALA A 246 -20.48 10.70 1.91
N SER A 247 -19.99 10.81 0.68
CA SER A 247 -18.59 10.66 0.34
C SER A 247 -17.95 11.95 -0.16
N ASP A 248 -18.54 13.11 0.17
CA ASP A 248 -18.02 14.38 -0.34
C ASP A 248 -16.57 14.65 0.08
N PHE A 249 -16.11 14.12 1.22
CA PHE A 249 -14.71 14.27 1.63
C PHE A 249 -13.88 13.01 1.40
N VAL A 250 -14.35 12.10 0.55
CA VAL A 250 -13.58 10.92 0.13
C VAL A 250 -13.08 11.22 -1.28
N ASN A 251 -11.75 11.17 -1.48
CA ASN A 251 -11.22 11.55 -2.79
C ASN A 251 -9.92 10.80 -3.04
N GLY A 252 -9.74 10.33 -4.28
CA GLY A 252 -8.53 9.63 -4.70
C GLY A 252 -8.37 8.24 -4.16
N GLN A 253 -9.39 7.70 -3.48
CA GLN A 253 -9.31 6.41 -2.81
C GLN A 253 -9.85 5.30 -3.69
N THR A 254 -9.38 4.08 -3.44
CA THR A 254 -9.96 2.90 -4.07
C THR A 254 -10.46 2.00 -2.95
N LEU A 255 -11.77 1.76 -2.95
CA LEU A 255 -12.44 0.94 -1.95
C LEU A 255 -12.57 -0.49 -2.49
N PHE A 256 -11.94 -1.46 -1.80
CA PHE A 256 -12.04 -2.86 -2.17
C PHE A 256 -13.26 -3.51 -1.53
N VAL A 257 -14.06 -4.18 -2.36
CA VAL A 257 -15.25 -4.91 -1.94
C VAL A 257 -15.02 -6.36 -2.31
N ASP A 258 -14.31 -7.10 -1.44
CA ASP A 258 -13.74 -8.37 -1.85
C ASP A 258 -13.81 -9.43 -0.76
N GLY A 259 -14.68 -9.25 0.25
CA GLY A 259 -14.78 -10.26 1.28
C GLY A 259 -13.53 -10.45 2.11
N GLY A 260 -12.60 -9.51 2.09
CA GLY A 260 -11.36 -9.66 2.82
C GLY A 260 -10.15 -10.13 2.03
N LEU A 261 -10.31 -10.45 0.74
CA LEU A 261 -9.24 -11.10 -0.01
C LEU A 261 -7.93 -10.31 0.04
N THR A 262 -7.97 -9.03 -0.32
CA THR A 262 -6.69 -8.31 -0.40
C THR A 262 -6.10 -7.98 0.97
N SER A 263 -6.81 -8.25 2.07
CA SER A 263 -6.29 -7.95 3.39
C SER A 263 -5.54 -9.13 4.02
N ALA A 264 -5.58 -10.31 3.38
CA ALA A 264 -5.09 -11.53 3.99
C ALA A 264 -4.10 -12.23 3.07
N VAL A 265 -3.28 -13.09 3.67
CA VAL A 265 -2.46 -14.00 2.87
C VAL A 265 -3.36 -15.10 2.31
N HIS B 5 46.82 -14.42 11.74
CA HIS B 5 46.14 -15.69 11.99
C HIS B 5 44.75 -15.70 11.36
N HIS B 6 43.83 -14.92 11.92
CA HIS B 6 42.48 -14.91 11.38
C HIS B 6 42.45 -14.16 10.05
N HIS B 7 41.38 -14.37 9.28
CA HIS B 7 41.22 -13.76 7.97
C HIS B 7 39.79 -13.27 7.85
N HIS B 8 39.62 -11.96 7.66
CA HIS B 8 38.29 -11.44 7.43
C HIS B 8 37.84 -11.78 6.01
N MET B 9 36.62 -12.31 5.90
CA MET B 9 36.05 -12.73 4.63
C MET B 9 34.71 -12.03 4.42
N THR B 10 34.24 -12.06 3.18
CA THR B 10 33.27 -11.08 2.68
C THR B 10 32.09 -11.71 1.94
N HIS B 11 31.72 -12.93 2.31
CA HIS B 11 30.79 -13.73 1.49
C HIS B 11 29.50 -12.98 1.15
N ALA B 12 28.86 -12.38 2.17
CA ALA B 12 27.55 -11.74 1.92
C ALA B 12 27.67 -10.52 1.02
N LEU B 13 28.82 -9.83 1.05
CA LEU B 13 29.06 -8.66 0.21
C LEU B 13 29.42 -9.05 -1.22
N ASP B 14 30.13 -10.16 -1.40
CA ASP B 14 30.47 -10.64 -2.74
C ASP B 14 29.25 -10.98 -3.59
N ARG B 15 28.11 -11.24 -2.97
CA ARG B 15 26.94 -11.56 -3.77
C ARG B 15 26.38 -10.36 -4.52
N PHE B 16 26.95 -9.16 -4.32
CA PHE B 16 26.53 -7.98 -5.07
C PHE B 16 27.22 -7.87 -6.42
N ARG B 17 28.24 -8.68 -6.67
CA ARG B 17 28.98 -8.60 -7.93
C ARG B 17 28.13 -9.15 -9.07
N LEU B 18 28.32 -8.58 -10.26
CA LEU B 18 27.54 -8.99 -11.43
C LEU B 18 28.40 -9.68 -12.50
N ASP B 19 29.61 -10.10 -12.14
CA ASP B 19 30.48 -10.76 -13.11
C ASP B 19 29.78 -11.97 -13.71
N GLY B 20 29.94 -12.12 -15.03
CA GLY B 20 29.33 -13.23 -15.71
C GLY B 20 27.90 -12.98 -16.14
N ARG B 21 27.32 -11.83 -15.79
CA ARG B 21 25.96 -11.48 -16.18
CA ARG B 21 25.95 -11.47 -16.17
C ARG B 21 25.99 -10.42 -17.26
N ARG B 22 25.00 -10.45 -18.15
CA ARG B 22 24.82 -9.39 -19.16
C ARG B 22 23.53 -8.63 -18.90
N ALA B 23 23.63 -7.28 -18.87
CA ALA B 23 22.47 -6.41 -18.61
C ALA B 23 22.16 -5.58 -19.84
N LEU B 24 20.90 -5.60 -20.28
CA LEU B 24 20.39 -4.67 -21.28
C LEU B 24 19.60 -3.56 -20.58
N ILE B 25 19.89 -2.30 -20.93
CA ILE B 25 19.18 -1.16 -20.34
C ILE B 25 18.48 -0.44 -21.48
N THR B 26 17.15 -0.39 -21.43
CA THR B 26 16.46 0.28 -22.53
C THR B 26 16.60 1.79 -22.38
N GLY B 27 16.61 2.48 -23.52
CA GLY B 27 16.78 3.94 -23.46
C GLY B 27 18.04 4.39 -22.75
N SER B 28 19.16 3.70 -22.98
CA SER B 28 20.39 4.04 -22.27
C SER B 28 21.31 4.94 -23.11
N GLY B 29 20.77 5.61 -24.13
CA GLY B 29 21.55 6.60 -24.84
C GLY B 29 21.83 7.86 -24.04
N ARG B 30 21.04 8.12 -23.01
CA ARG B 30 21.26 9.27 -22.14
C ARG B 30 20.43 9.09 -20.87
N GLY B 31 20.63 10.02 -19.94
CA GLY B 31 19.78 10.04 -18.76
C GLY B 31 20.10 8.96 -17.73
N ILE B 32 19.08 8.63 -16.93
CA ILE B 32 19.24 7.62 -15.89
C ILE B 32 19.69 6.29 -16.49
N GLY B 33 19.18 5.93 -17.68
CA GLY B 33 19.58 4.67 -18.27
C GLY B 33 21.08 4.58 -18.51
N LEU B 34 21.67 5.66 -19.02
CA LEU B 34 23.12 5.67 -19.23
C LEU B 34 23.87 5.61 -17.89
N THR B 35 23.37 6.33 -16.88
CA THR B 35 23.99 6.28 -15.56
C THR B 35 23.98 4.86 -15.02
N LEU B 36 22.83 4.17 -15.14
CA LEU B 36 22.72 2.82 -14.62
C LEU B 36 23.56 1.85 -15.44
N ALA B 37 23.63 2.03 -16.76
CA ALA B 37 24.50 1.20 -17.57
C ALA B 37 25.95 1.25 -17.07
N ARG B 38 26.45 2.46 -16.78
CA ARG B 38 27.82 2.53 -16.25
C ARG B 38 27.91 1.88 -14.87
N GLY B 39 26.94 2.13 -14.01
CA GLY B 39 27.01 1.55 -12.67
C GLY B 39 26.99 0.02 -12.70
N LEU B 40 26.16 -0.55 -13.58
CA LEU B 40 26.11 -2.01 -13.68
C LEU B 40 27.40 -2.57 -14.26
N ALA B 41 27.96 -1.88 -15.26
CA ALA B 41 29.26 -2.29 -15.82
C ALA B 41 30.36 -2.26 -14.78
N GLU B 42 30.40 -1.20 -13.95
CA GLU B 42 31.40 -1.12 -12.89
C GLU B 42 31.26 -2.28 -11.91
N ALA B 43 30.04 -2.77 -11.70
CA ALA B 43 29.78 -3.88 -10.80
C ALA B 43 30.08 -5.22 -11.45
N GLY B 44 30.50 -5.24 -12.72
CA GLY B 44 30.97 -6.46 -13.36
C GLY B 44 30.13 -6.96 -14.51
N ALA B 45 28.99 -6.35 -14.79
CA ALA B 45 28.13 -6.84 -15.86
C ALA B 45 28.68 -6.42 -17.22
N ALA B 46 28.55 -7.32 -18.20
CA ALA B 46 28.56 -6.88 -19.58
C ALA B 46 27.28 -6.08 -19.81
N ILE B 47 27.32 -5.03 -20.62
CA ILE B 47 26.12 -4.24 -20.78
CA ILE B 47 26.13 -4.22 -20.78
C ILE B 47 25.75 -4.15 -22.26
N VAL B 48 24.47 -3.84 -22.49
CA VAL B 48 23.94 -3.62 -23.84
C VAL B 48 23.28 -2.25 -23.85
N ILE B 49 23.80 -1.37 -24.69
CA ILE B 49 23.22 -0.04 -24.87
C ILE B 49 22.07 -0.17 -25.85
N ASN B 50 20.93 0.45 -25.52
CA ASN B 50 19.80 0.52 -26.42
C ASN B 50 19.48 1.98 -26.72
N ASP B 51 19.29 2.27 -28.00
CA ASP B 51 18.85 3.57 -28.48
C ASP B 51 18.08 3.29 -29.76
N ARG B 52 17.24 4.24 -30.15
CA ARG B 52 16.57 4.10 -31.44
C ARG B 52 17.51 4.38 -32.61
N ASN B 53 18.62 5.08 -32.36
CA ASN B 53 19.57 5.46 -33.40
C ASN B 53 20.76 4.52 -33.36
N GLU B 54 21.01 3.83 -34.47
CA GLU B 54 22.05 2.80 -34.53
C GLU B 54 23.44 3.38 -34.28
N GLU B 55 23.77 4.47 -35.00
CA GLU B 55 25.08 5.09 -34.86
C GLU B 55 25.35 5.50 -33.41
N LYS B 56 24.34 6.08 -32.74
CA LYS B 56 24.53 6.53 -31.36
C LYS B 56 24.79 5.35 -30.43
N ALA B 57 23.98 4.30 -30.54
CA ALA B 57 24.12 3.13 -29.66
C ALA B 57 25.44 2.42 -29.90
N ALA B 58 25.82 2.24 -31.18
CA ALA B 58 27.07 1.56 -31.48
C ALA B 58 28.25 2.36 -30.99
N THR B 59 28.21 3.69 -31.15
CA THR B 59 29.34 4.50 -30.72
C THR B 59 29.48 4.51 -29.21
N LEU B 60 28.34 4.58 -28.49
CA LEU B 60 28.40 4.53 -27.04
CA LEU B 60 28.39 4.53 -27.03
C LEU B 60 28.97 3.22 -26.55
N ALA B 61 28.53 2.09 -27.14
CA ALA B 61 29.06 0.80 -26.74
C ALA B 61 30.56 0.74 -26.96
N ARG B 62 31.03 1.28 -28.09
CA ARG B 62 32.47 1.30 -28.34
C ARG B 62 33.22 2.12 -27.28
N ARG B 63 32.65 3.25 -26.84
CA ARG B 63 33.31 4.04 -25.79
C ARG B 63 33.41 3.25 -24.48
N PHE B 64 32.39 2.45 -24.15
CA PHE B 64 32.47 1.56 -22.99
C PHE B 64 33.58 0.52 -23.17
N ARG B 65 33.71 -0.04 -24.38
CA ARG B 65 34.78 -1.00 -24.61
C ARG B 65 36.15 -0.34 -24.53
N ASP B 66 36.26 0.92 -24.95
CA ASP B 66 37.53 1.63 -24.82
C ASP B 66 37.93 1.77 -23.35
N GLU B 67 36.95 1.83 -22.45
CA GLU B 67 37.20 1.86 -21.00
C GLU B 67 37.25 0.46 -20.39
N GLY B 68 37.44 -0.57 -21.20
CA GLY B 68 37.68 -1.89 -20.65
C GLY B 68 36.44 -2.66 -20.25
N PHE B 69 35.24 -2.14 -20.52
CA PHE B 69 34.02 -2.82 -20.14
C PHE B 69 33.61 -3.73 -21.29
N ALA B 70 32.89 -4.81 -20.97
CA ALA B 70 32.25 -5.62 -22.00
C ALA B 70 30.94 -4.93 -22.36
N ALA B 71 30.75 -4.59 -23.63
CA ALA B 71 29.59 -3.83 -24.03
C ALA B 71 29.23 -4.11 -25.49
N ASP B 72 27.93 -4.08 -25.76
CA ASP B 72 27.39 -4.23 -27.10
C ASP B 72 26.16 -3.33 -27.19
N HIS B 73 25.43 -3.44 -28.29
CA HIS B 73 24.25 -2.61 -28.43
C HIS B 73 23.14 -3.37 -29.13
N ALA B 74 21.91 -2.90 -28.92
CA ALA B 74 20.73 -3.43 -29.57
C ALA B 74 19.81 -2.26 -29.87
N VAL B 75 19.45 -2.09 -31.14
CA VAL B 75 18.71 -0.93 -31.62
C VAL B 75 17.25 -1.29 -31.75
N PHE B 76 16.38 -0.52 -31.10
CA PHE B 76 14.94 -0.69 -31.26
C PHE B 76 14.22 0.45 -30.55
N ASP B 77 13.01 0.71 -31.06
CA ASP B 77 12.01 1.55 -30.42
C ASP B 77 11.18 0.64 -29.50
N VAL B 78 11.19 0.91 -28.17
CA VAL B 78 10.53 0.00 -27.23
C VAL B 78 9.04 -0.16 -27.53
N ALA B 79 8.43 0.82 -28.17
CA ALA B 79 7.00 0.79 -28.46
C ALA B 79 6.62 -0.15 -29.61
N GLU B 80 7.60 -0.68 -30.34
CA GLU B 80 7.35 -1.48 -31.55
C GLU B 80 7.56 -2.96 -31.22
N HIS B 81 6.44 -3.69 -31.06
CA HIS B 81 6.50 -5.04 -30.49
C HIS B 81 7.32 -5.99 -31.34
N ALA B 82 6.99 -6.10 -32.64
CA ALA B 82 7.71 -7.03 -33.52
C ALA B 82 9.18 -6.62 -33.69
N GLN B 83 9.44 -5.32 -33.77
CA GLN B 83 10.81 -4.85 -33.95
C GLN B 83 11.66 -5.20 -32.75
N VAL B 84 11.12 -4.96 -31.55
CA VAL B 84 11.80 -5.34 -30.31
C VAL B 84 12.09 -6.84 -30.30
N ARG B 85 11.08 -7.66 -30.61
CA ARG B 85 11.32 -9.10 -30.54
C ARG B 85 12.40 -9.53 -31.53
N ALA B 86 12.35 -9.00 -32.75
CA ALA B 86 13.37 -9.36 -33.74
C ALA B 86 14.76 -8.96 -33.26
N ALA B 87 14.90 -7.76 -32.69
CA ALA B 87 16.21 -7.30 -32.25
C ALA B 87 16.71 -8.12 -31.07
N ILE B 88 15.83 -8.43 -30.13
CA ILE B 88 16.24 -9.23 -28.97
C ILE B 88 16.62 -10.65 -29.42
N ASP B 89 15.79 -11.27 -30.28
CA ASP B 89 16.11 -12.62 -30.72
C ASP B 89 17.40 -12.64 -31.54
N GLU B 90 17.62 -11.64 -32.37
CA GLU B 90 18.86 -11.60 -33.15
C GLU B 90 20.07 -11.46 -32.24
N PHE B 91 19.95 -10.63 -31.18
CA PHE B 91 21.06 -10.43 -30.27
C PHE B 91 21.38 -11.71 -29.50
N GLU B 92 20.35 -12.39 -29.01
CA GLU B 92 20.56 -13.66 -28.32
C GLU B 92 21.21 -14.70 -29.24
N ALA B 93 20.86 -14.69 -30.53
CA ALA B 93 21.42 -15.69 -31.45
C ALA B 93 22.85 -15.36 -31.87
N ARG B 94 23.17 -14.09 -32.01
CA ARG B 94 24.49 -13.74 -32.51
C ARG B 94 25.48 -13.44 -31.39
N VAL B 95 25.05 -12.72 -30.36
CA VAL B 95 25.96 -12.31 -29.28
C VAL B 95 25.85 -13.26 -28.10
N GLY B 96 24.68 -13.31 -27.45
CA GLY B 96 24.52 -14.22 -26.35
C GLY B 96 23.42 -13.77 -25.39
N ALA B 97 23.46 -14.35 -24.20
CA ALA B 97 22.35 -14.28 -23.26
C ALA B 97 22.27 -12.91 -22.61
N ILE B 98 21.03 -12.41 -22.49
CA ILE B 98 20.71 -11.25 -21.67
C ILE B 98 20.16 -11.75 -20.34
N ASP B 99 20.87 -11.50 -19.24
CA ASP B 99 20.50 -12.03 -17.94
C ASP B 99 19.78 -11.03 -17.06
N ILE B 100 19.92 -9.73 -17.36
CA ILE B 100 19.34 -8.64 -16.59
C ILE B 100 18.72 -7.69 -17.61
N LEU B 101 17.45 -7.33 -17.41
CA LEU B 101 16.79 -6.32 -18.23
C LEU B 101 16.40 -5.16 -17.32
N VAL B 102 16.82 -3.94 -17.69
CA VAL B 102 16.36 -2.73 -17.01
C VAL B 102 15.44 -2.00 -17.96
N ASN B 103 14.15 -1.93 -17.62
CA ASN B 103 13.15 -1.28 -18.49
C ASN B 103 13.09 0.17 -18.06
N ASN B 104 13.96 0.99 -18.66
CA ASN B 104 14.19 2.39 -18.29
C ASN B 104 13.56 3.40 -19.24
N ALA B 105 13.50 3.12 -20.54
CA ALA B 105 12.96 4.08 -21.49
C ALA B 105 11.61 4.63 -21.04
N GLY B 106 11.46 5.95 -21.09
CA GLY B 106 10.20 6.56 -20.69
C GLY B 106 10.18 8.03 -21.06
N ILE B 107 8.97 8.58 -21.07
CA ILE B 107 8.77 9.99 -21.42
C ILE B 107 7.77 10.60 -20.45
N GLN B 108 7.70 11.93 -20.46
CA GLN B 108 6.81 12.70 -19.59
C GLN B 108 6.14 13.78 -20.44
N ARG B 109 4.85 14.01 -20.21
CA ARG B 109 4.10 15.08 -20.86
CA ARG B 109 4.13 15.10 -20.86
C ARG B 109 3.10 15.62 -19.85
N ARG B 110 3.16 16.91 -19.55
CA ARG B 110 2.40 17.50 -18.45
C ARG B 110 1.27 18.40 -18.94
N ALA B 111 0.06 18.17 -18.42
CA ALA B 111 -1.10 19.03 -18.65
C ALA B 111 -2.23 18.60 -17.73
N PRO B 112 -3.11 19.52 -17.33
CA PRO B 112 -4.30 19.10 -16.57
C PRO B 112 -5.07 18.06 -17.38
N LEU B 113 -5.63 17.07 -16.67
CA LEU B 113 -6.18 15.91 -17.36
C LEU B 113 -7.36 16.27 -18.26
N ASP B 114 -8.14 17.29 -17.91
CA ASP B 114 -9.29 17.70 -18.72
C ASP B 114 -8.89 18.35 -20.04
N ALA B 115 -7.63 18.78 -20.16
CA ALA B 115 -7.11 19.37 -21.40
C ALA B 115 -6.09 18.48 -22.09
N PHE B 116 -5.80 17.30 -21.53
CA PHE B 116 -4.73 16.47 -22.07
C PHE B 116 -4.97 16.08 -23.53
N GLU B 117 -3.95 16.25 -24.35
CA GLU B 117 -4.08 15.90 -25.75
C GLU B 117 -4.08 14.39 -25.93
N PRO B 118 -4.97 13.84 -26.74
CA PRO B 118 -4.99 12.39 -26.89
C PRO B 118 -3.70 11.85 -27.47
N ASP B 119 -3.03 12.60 -28.35
CA ASP B 119 -1.74 12.13 -28.86
C ASP B 119 -0.68 12.01 -27.76
N ASP B 120 -0.72 12.90 -26.76
CA ASP B 120 0.20 12.80 -25.63
C ASP B 120 -0.15 11.61 -24.76
N TRP B 121 -1.45 11.38 -24.53
CA TRP B 121 -1.89 10.19 -23.80
C TRP B 121 -1.32 8.94 -24.46
N HIS B 122 -1.50 8.85 -25.76
CA HIS B 122 -1.11 7.66 -26.52
C HIS B 122 0.40 7.48 -26.50
N ALA B 123 1.16 8.58 -26.66
CA ALA B 123 2.62 8.47 -26.63
C ALA B 123 3.11 7.97 -25.28
N LEU B 124 2.52 8.46 -24.19
CA LEU B 124 2.91 7.97 -22.87
C LEU B 124 2.62 6.48 -22.71
N MET B 125 1.42 6.03 -23.13
CA MET B 125 1.08 4.61 -23.03
C MET B 125 2.04 3.75 -23.86
N ARG B 126 2.38 4.19 -25.07
CA ARG B 126 3.22 3.38 -25.94
C ARG B 126 4.62 3.19 -25.37
N VAL B 127 5.24 4.26 -24.87
CA VAL B 127 6.61 4.14 -24.38
C VAL B 127 6.64 3.53 -23.00
N ASN B 128 5.90 4.13 -22.07
CA ASN B 128 6.06 3.79 -20.66
C ASN B 128 5.41 2.48 -20.27
N LEU B 129 4.42 2.01 -21.04
CA LEU B 129 3.67 0.82 -20.68
C LEU B 129 3.80 -0.26 -21.76
N ASP B 130 3.36 -0.01 -23.01
CA ASP B 130 3.61 -1.00 -24.07
C ASP B 130 5.09 -1.37 -24.12
N GLY B 131 5.98 -0.39 -23.95
CA GLY B 131 7.40 -0.65 -24.12
C GLY B 131 7.93 -1.64 -23.10
N VAL B 132 7.43 -1.53 -21.87
CA VAL B 132 7.88 -2.42 -20.81
C VAL B 132 7.44 -3.85 -21.11
N PHE B 133 6.20 -4.02 -21.58
CA PHE B 133 5.74 -5.32 -22.01
C PHE B 133 6.56 -5.86 -23.18
N ASN B 134 6.76 -5.03 -24.20
CA ASN B 134 7.42 -5.51 -25.42
C ASN B 134 8.81 -6.05 -25.13
N VAL B 135 9.61 -5.32 -24.35
CA VAL B 135 10.98 -5.78 -24.14
C VAL B 135 11.01 -6.92 -23.11
N ALA B 136 10.21 -6.82 -22.03
CA ALA B 136 10.20 -7.88 -21.03
C ALA B 136 9.78 -9.22 -21.64
N GLN B 137 8.73 -9.23 -22.48
CA GLN B 137 8.29 -10.48 -23.06
C GLN B 137 9.38 -11.08 -23.93
N ALA B 138 10.01 -10.26 -24.76
CA ALA B 138 10.99 -10.78 -25.71
C ALA B 138 12.21 -11.35 -24.99
N VAL B 139 12.68 -10.66 -23.94
CA VAL B 139 13.82 -11.13 -23.16
C VAL B 139 13.43 -12.33 -22.29
N ALA B 140 12.22 -12.31 -21.71
CA ALA B 140 11.86 -13.35 -20.77
C ALA B 140 11.78 -14.74 -21.41
N ARG B 141 11.44 -14.83 -22.70
CA ARG B 141 11.42 -16.15 -23.35
C ARG B 141 12.77 -16.84 -23.21
N HIS B 142 13.85 -16.05 -23.35
CA HIS B 142 15.20 -16.60 -23.25
C HIS B 142 15.59 -16.86 -21.80
N MET B 143 15.20 -15.96 -20.90
CA MET B 143 15.51 -16.17 -19.48
C MET B 143 14.82 -17.42 -18.95
N ILE B 144 13.56 -17.61 -19.32
CA ILE B 144 12.82 -18.80 -18.92
C ILE B 144 13.55 -20.05 -19.40
N ALA B 145 14.00 -20.06 -20.65
CA ALA B 145 14.71 -21.22 -21.18
C ALA B 145 15.95 -21.53 -20.36
N ARG B 146 16.64 -20.49 -19.86
CA ARG B 146 17.85 -20.69 -19.08
C ARG B 146 17.57 -20.96 -17.60
N GLY B 147 16.37 -20.62 -17.11
CA GLY B 147 16.00 -20.80 -15.72
C GLY B 147 16.51 -19.76 -14.75
N HIS B 148 16.92 -18.58 -15.22
CA HIS B 148 17.34 -17.50 -14.34
C HIS B 148 17.24 -16.17 -15.09
N GLY B 149 16.90 -15.10 -14.36
CA GLY B 149 16.99 -13.76 -14.93
C GLY B 149 16.56 -12.73 -13.90
N LYS B 150 16.92 -11.47 -14.20
CA LYS B 150 16.48 -10.30 -13.43
C LYS B 150 15.79 -9.34 -14.37
N ILE B 151 14.63 -8.82 -13.95
CA ILE B 151 13.95 -7.74 -14.66
C ILE B 151 13.72 -6.62 -13.67
N ILE B 152 14.18 -5.42 -14.01
CA ILE B 152 14.08 -4.24 -13.17
C ILE B 152 13.32 -3.18 -13.98
N ASN B 153 12.11 -2.84 -13.52
CA ASN B 153 11.26 -1.87 -14.22
C ASN B 153 11.35 -0.53 -13.52
N ILE B 154 11.71 0.52 -14.25
CA ILE B 154 11.86 1.84 -13.62
C ILE B 154 10.48 2.45 -13.42
N CYS B 155 10.12 2.67 -12.16
CA CYS B 155 8.80 3.18 -11.79
C CYS B 155 8.92 4.67 -11.48
N SER B 156 8.26 5.16 -10.43
CA SER B 156 8.24 6.58 -10.08
C SER B 156 7.48 6.73 -8.77
N VAL B 157 7.67 7.87 -8.09
CA VAL B 157 6.78 8.23 -6.98
C VAL B 157 5.33 8.17 -7.44
N GLN B 158 5.10 8.50 -8.71
CA GLN B 158 3.75 8.42 -9.24
C GLN B 158 3.26 7.01 -9.46
N SER B 159 4.02 5.96 -9.10
CA SER B 159 3.41 4.64 -8.92
C SER B 159 2.57 4.55 -7.66
N GLU B 160 2.64 5.55 -6.78
CA GLU B 160 1.91 5.57 -5.50
C GLU B 160 1.16 6.88 -5.25
N LEU B 161 1.78 8.03 -5.53
CA LEU B 161 1.20 9.31 -5.15
C LEU B 161 1.08 10.20 -6.38
N ALA B 162 -0.09 10.82 -6.55
CA ALA B 162 -0.33 11.66 -7.72
C ALA B 162 0.17 13.08 -7.51
N ARG B 163 0.50 13.74 -8.63
CA ARG B 163 0.76 15.18 -8.62
C ARG B 163 -0.08 15.82 -9.72
N PRO B 164 -0.58 17.05 -9.52
CA PRO B 164 -1.36 17.69 -10.60
C PRO B 164 -0.55 17.79 -11.88
N THR B 165 -1.23 17.60 -13.00
CA THR B 165 -0.79 17.73 -14.40
C THR B 165 -0.09 16.46 -14.91
N ILE B 166 0.13 15.45 -14.07
CA ILE B 166 0.79 14.26 -14.60
C ILE B 166 -0.05 13.02 -14.31
N ALA B 167 -1.37 13.16 -14.43
CA ALA B 167 -2.23 12.00 -14.25
C ALA B 167 -1.95 10.88 -15.26
N PRO B 168 -1.75 11.14 -16.56
CA PRO B 168 -1.44 10.02 -17.48
C PRO B 168 -0.13 9.31 -17.18
N TYR B 169 0.92 10.06 -16.88
CA TYR B 169 2.18 9.43 -16.47
C TYR B 169 1.98 8.57 -15.23
N ALA B 170 1.25 9.08 -14.23
CA ALA B 170 0.98 8.25 -13.06
C ALA B 170 0.23 6.96 -13.43
N ALA B 171 -0.74 7.05 -14.36
CA ALA B 171 -1.38 5.84 -14.83
C ALA B 171 -0.35 4.85 -15.40
N THR B 172 0.61 5.34 -16.20
CA THR B 172 1.59 4.41 -16.75
C THR B 172 2.45 3.80 -15.65
N LYS B 173 2.77 4.59 -14.61
CA LYS B 173 3.68 4.07 -13.60
C LYS B 173 2.96 3.18 -12.58
N GLY B 174 1.69 3.43 -12.31
CA GLY B 174 0.91 2.47 -11.56
C GLY B 174 0.73 1.16 -12.33
N ALA B 175 0.60 1.26 -13.66
CA ALA B 175 0.54 0.07 -14.50
C ALA B 175 1.83 -0.73 -14.41
N VAL B 176 2.99 -0.06 -14.48
CA VAL B 176 4.25 -0.79 -14.44
C VAL B 176 4.44 -1.47 -13.09
N ARG B 177 4.04 -0.80 -12.00
CA ARG B 177 4.14 -1.42 -10.68
C ARG B 177 3.34 -2.71 -10.60
N MET B 178 2.10 -2.72 -11.14
CA MET B 178 1.33 -3.95 -11.14
C MET B 178 1.85 -4.96 -12.17
N LEU B 179 2.28 -4.49 -13.35
CA LEU B 179 2.87 -5.41 -14.32
C LEU B 179 4.07 -6.13 -13.72
N THR B 180 4.85 -5.42 -12.89
CA THR B 180 5.96 -6.04 -12.17
C THR B 180 5.47 -7.21 -11.29
N LYS B 181 4.41 -6.99 -10.51
CA LYS B 181 3.88 -8.09 -9.72
C LYS B 181 3.42 -9.22 -10.62
N GLY B 182 2.83 -8.88 -11.77
CA GLY B 182 2.36 -9.90 -12.69
C GLY B 182 3.50 -10.70 -13.32
N MET B 183 4.62 -10.04 -13.63
CA MET B 183 5.81 -10.77 -14.09
C MET B 183 6.30 -11.76 -13.04
N CYS B 184 6.35 -11.34 -11.77
CA CYS B 184 6.68 -12.28 -10.70
C CYS B 184 5.69 -13.45 -10.64
N ALA B 185 4.38 -13.16 -10.71
CA ALA B 185 3.40 -14.23 -10.59
C ALA B 185 3.56 -15.27 -11.71
N ASP B 186 3.90 -14.81 -12.92
CA ASP B 186 4.06 -15.76 -14.03
C ASP B 186 5.44 -16.41 -14.09
N TRP B 187 6.50 -15.71 -13.66
CA TRP B 187 7.84 -16.13 -14.00
C TRP B 187 8.75 -16.48 -12.81
N ALA B 188 8.34 -16.17 -11.56
CA ALA B 188 9.20 -16.55 -10.44
C ALA B 188 9.51 -18.03 -10.44
N ARG B 189 8.56 -18.83 -10.92
CA ARG B 189 8.72 -20.28 -11.03
C ARG B 189 9.84 -20.68 -11.97
N TYR B 190 10.28 -19.78 -12.83
CA TYR B 190 11.36 -20.06 -13.78
C TYR B 190 12.67 -19.42 -13.33
N GLY B 191 12.76 -19.01 -12.08
CA GLY B 191 13.98 -18.42 -11.56
C GLY B 191 14.19 -16.98 -11.95
N ILE B 192 13.14 -16.26 -12.33
CA ILE B 192 13.23 -14.85 -12.68
C ILE B 192 12.73 -14.01 -11.52
N GLN B 193 13.51 -13.01 -11.11
CA GLN B 193 13.06 -12.01 -10.15
C GLN B 193 12.74 -10.72 -10.90
N ALA B 194 11.49 -10.27 -10.80
CA ALA B 194 11.02 -9.06 -11.47
C ALA B 194 10.66 -8.06 -10.39
N ASN B 195 11.33 -6.90 -10.39
CA ASN B 195 11.15 -5.91 -9.35
C ASN B 195 11.10 -4.54 -9.98
N GLY B 196 10.55 -3.60 -9.22
CA GLY B 196 10.47 -2.20 -9.61
C GLY B 196 11.47 -1.35 -8.85
N LEU B 197 12.03 -0.36 -9.54
CA LEU B 197 12.91 0.64 -8.93
CA LEU B 197 12.91 0.63 -8.93
C LEU B 197 12.25 1.98 -9.20
N ALA B 198 11.76 2.61 -8.14
CA ALA B 198 11.01 3.86 -8.25
C ALA B 198 11.84 5.03 -7.77
N PRO B 199 12.48 5.79 -8.65
CA PRO B 199 13.15 7.00 -8.18
C PRO B 199 12.15 8.05 -7.70
N GLY B 200 12.58 8.86 -6.73
CA GLY B 200 11.89 10.07 -6.39
C GLY B 200 12.22 11.18 -7.37
N TYR B 201 12.57 12.37 -6.87
CA TYR B 201 12.85 13.52 -7.72
C TYR B 201 14.35 13.68 -7.92
N PHE B 202 14.81 13.46 -9.15
CA PHE B 202 16.22 13.52 -9.49
C PHE B 202 16.50 14.65 -10.46
N GLU B 203 17.59 15.35 -10.21
CA GLU B 203 18.02 16.47 -11.05
C GLU B 203 18.53 15.89 -12.37
N THR B 204 17.69 15.94 -13.41
CA THR B 204 17.96 15.36 -14.74
C THR B 204 17.16 16.13 -15.79
N GLU B 205 17.32 15.72 -17.07
CA GLU B 205 16.71 16.47 -18.17
C GLU B 205 15.19 16.33 -18.19
N LEU B 206 14.68 15.13 -17.87
CA LEU B 206 13.25 14.90 -17.76
C LEU B 206 12.58 15.96 -16.89
N ASN B 207 13.29 16.40 -15.84
CA ASN B 207 12.76 17.29 -14.82
C ASN B 207 13.42 18.67 -14.80
N ARG B 208 14.08 19.05 -15.89
CA ARG B 208 14.86 20.30 -15.88
C ARG B 208 13.97 21.50 -15.59
N ALA B 209 12.74 21.51 -16.12
CA ALA B 209 11.83 22.62 -15.85
C ALA B 209 11.45 22.70 -14.38
N LEU B 210 11.40 21.55 -13.70
CA LEU B 210 11.13 21.53 -12.27
C LEU B 210 12.35 21.98 -11.46
N VAL B 211 13.54 21.49 -11.82
CA VAL B 211 14.77 21.92 -11.13
C VAL B 211 14.93 23.43 -11.21
N ASP B 212 14.61 24.02 -12.38
CA ASP B 212 14.84 25.44 -12.63
C ASP B 212 13.71 26.32 -12.11
N ASP B 213 12.65 25.74 -11.58
CA ASP B 213 11.52 26.49 -11.01
C ASP B 213 11.78 26.62 -9.52
N ALA B 214 12.08 27.86 -9.06
CA ALA B 214 12.44 28.05 -7.66
C ALA B 214 11.28 27.69 -6.74
N ALA B 215 10.05 27.98 -7.15
CA ALA B 215 8.91 27.64 -6.31
C ALA B 215 8.76 26.14 -6.18
N PHE B 216 8.90 25.42 -7.30
CA PHE B 216 8.80 23.96 -7.21
C PHE B 216 9.92 23.36 -6.38
N SER B 217 11.15 23.85 -6.57
CA SER B 217 12.28 23.29 -5.84
CA SER B 217 12.28 23.28 -5.84
C SER B 217 12.19 23.56 -4.34
N ASP B 218 11.74 24.78 -3.98
CA ASP B 218 11.52 25.07 -2.57
C ASP B 218 10.46 24.16 -1.98
N TRP B 219 9.36 23.94 -2.71
CA TRP B 219 8.33 23.01 -2.23
C TRP B 219 8.90 21.60 -2.09
N LEU B 220 9.67 21.15 -3.09
CA LEU B 220 10.21 19.79 -3.03
C LEU B 220 11.13 19.59 -1.84
N CYS B 221 11.97 20.59 -1.54
CA CYS B 221 12.91 20.40 -0.43
C CYS B 221 12.19 20.36 0.92
N LYS B 222 11.09 21.09 1.06
CA LYS B 222 10.25 20.98 2.25
C LYS B 222 9.46 19.67 2.28
N ARG B 223 9.09 19.16 1.10
CA ARG B 223 8.25 17.97 1.01
C ARG B 223 9.03 16.69 1.30
N THR B 224 10.33 16.69 1.00
CA THR B 224 11.19 15.50 1.09
C THR B 224 11.89 15.48 2.44
N PRO B 225 11.75 14.43 3.26
CA PRO B 225 12.49 14.41 4.53
C PRO B 225 13.99 14.66 4.38
N ALA B 226 14.59 14.11 3.32
CA ALA B 226 16.01 14.32 3.03
C ALA B 226 16.34 15.77 2.67
N GLY B 227 15.33 16.55 2.26
CA GLY B 227 15.50 17.98 2.13
C GLY B 227 16.19 18.44 0.86
N ARG B 228 16.18 17.62 -0.19
CA ARG B 228 16.97 17.94 -1.37
C ARG B 228 16.50 17.09 -2.54
N TRP B 229 16.90 17.54 -3.73
CA TRP B 229 16.86 16.70 -4.93
C TRP B 229 17.80 15.50 -4.78
N GLY B 230 17.39 14.37 -5.38
CA GLY B 230 18.32 13.27 -5.54
C GLY B 230 19.29 13.50 -6.70
N GLN B 231 20.46 12.86 -6.62
CA GLN B 231 21.41 12.89 -7.72
C GLN B 231 21.53 11.47 -8.28
N VAL B 232 21.72 11.36 -9.60
CA VAL B 232 21.44 10.08 -10.26
C VAL B 232 22.35 8.95 -9.78
N ASP B 233 23.60 9.23 -9.36
CA ASP B 233 24.42 8.13 -8.85
C ASP B 233 23.77 7.41 -7.65
N GLU B 234 22.87 8.09 -6.94
CA GLU B 234 22.21 7.47 -5.79
C GLU B 234 21.22 6.38 -6.18
N LEU B 235 21.01 6.14 -7.48
CA LEU B 235 20.19 5.03 -7.92
C LEU B 235 21.00 3.79 -8.24
N CYS B 236 22.32 3.93 -8.39
CA CYS B 236 23.12 2.79 -8.85
C CYS B 236 23.12 1.67 -7.83
N GLY B 237 23.22 2.00 -6.54
CA GLY B 237 23.27 0.94 -5.53
C GLY B 237 22.03 0.05 -5.57
N ALA B 238 20.84 0.67 -5.64
CA ALA B 238 19.60 -0.09 -5.71
C ALA B 238 19.54 -0.96 -6.96
N ALA B 239 19.97 -0.42 -8.10
CA ALA B 239 19.93 -1.18 -9.35
C ALA B 239 20.85 -2.40 -9.28
N ILE B 240 22.07 -2.20 -8.78
CA ILE B 240 23.01 -3.30 -8.63
C ILE B 240 22.43 -4.36 -7.69
N PHE B 241 21.90 -3.93 -6.55
CA PHE B 241 21.28 -4.87 -5.60
C PHE B 241 20.20 -5.71 -6.27
N LEU B 242 19.27 -5.05 -6.98
CA LEU B 242 18.18 -5.78 -7.61
C LEU B 242 18.64 -6.66 -8.77
N ALA B 243 19.81 -6.36 -9.35
CA ALA B 243 20.33 -7.14 -10.45
C ALA B 243 21.17 -8.33 -9.97
N SER B 244 21.50 -8.40 -8.68
CA SER B 244 22.51 -9.31 -8.16
C SER B 244 21.90 -10.50 -7.43
N ALA B 245 22.77 -11.48 -7.13
CA ALA B 245 22.35 -12.62 -6.31
C ALA B 245 21.96 -12.21 -4.90
N ALA B 246 22.41 -11.03 -4.45
CA ALA B 246 22.08 -10.55 -3.11
C ALA B 246 20.59 -10.28 -2.93
N SER B 247 19.80 -10.27 -4.01
CA SER B 247 18.35 -10.05 -3.95
C SER B 247 17.56 -11.20 -4.56
N ASP B 248 18.11 -12.42 -4.55
CA ASP B 248 17.44 -13.54 -5.22
C ASP B 248 16.07 -13.89 -4.60
N PHE B 249 15.82 -13.57 -3.34
CA PHE B 249 14.50 -13.81 -2.73
C PHE B 249 13.65 -12.55 -2.66
N VAL B 250 14.04 -11.47 -3.35
CA VAL B 250 13.22 -10.27 -3.54
C VAL B 250 12.50 -10.41 -4.89
N ASN B 251 11.17 -10.38 -4.88
CA ASN B 251 10.44 -10.60 -6.12
C ASN B 251 9.09 -9.89 -6.05
N GLY B 252 8.71 -9.27 -7.16
CA GLY B 252 7.44 -8.57 -7.24
C GLY B 252 7.37 -7.24 -6.50
N GLN B 253 8.48 -6.75 -5.96
CA GLN B 253 8.44 -5.57 -5.11
C GLN B 253 8.87 -4.34 -5.89
N THR B 254 8.42 -3.17 -5.44
CA THR B 254 8.91 -1.89 -5.98
C THR B 254 9.59 -1.12 -4.85
N LEU B 255 10.89 -0.86 -5.04
CA LEU B 255 11.73 -0.17 -4.06
C LEU B 255 11.76 1.32 -4.40
N PHE B 256 11.30 2.16 -3.46
CA PHE B 256 11.30 3.60 -3.67
C PHE B 256 12.57 4.22 -3.13
N VAL B 257 13.24 4.99 -3.97
CA VAL B 257 14.49 5.67 -3.64
C VAL B 257 14.21 7.15 -3.75
N ASP B 258 13.67 7.76 -2.69
CA ASP B 258 13.05 9.08 -2.82
C ASP B 258 13.30 9.98 -1.62
N GLY B 259 14.30 9.67 -0.80
CA GLY B 259 14.60 10.58 0.28
C GLY B 259 13.53 10.61 1.34
N GLY B 260 12.62 9.64 1.34
CA GLY B 260 11.54 9.59 2.32
C GLY B 260 10.22 10.21 1.86
N LEU B 261 10.16 10.74 0.63
CA LEU B 261 8.97 11.47 0.18
C LEU B 261 7.69 10.67 0.38
N THR B 262 7.63 9.43 -0.13
CA THR B 262 6.41 8.65 -0.07
C THR B 262 6.07 8.19 1.34
N SER B 263 6.96 8.38 2.32
CA SER B 263 6.67 7.90 3.66
C SER B 263 6.01 8.95 4.54
N ALA B 264 5.92 10.20 4.06
CA ALA B 264 5.56 11.31 4.92
C ALA B 264 4.45 12.14 4.30
N VAL B 265 3.70 12.83 5.15
CA VAL B 265 2.81 13.87 4.61
C VAL B 265 3.65 15.06 4.13
N HIS C 11 36.04 -1.19 -8.07
CA HIS C 11 35.76 -0.62 -6.76
C HIS C 11 34.27 -0.40 -6.57
N ALA C 12 33.46 -1.06 -7.40
CA ALA C 12 32.01 -0.90 -7.32
C ALA C 12 31.45 -1.45 -6.02
N LEU C 13 32.06 -2.49 -5.46
CA LEU C 13 31.58 -3.00 -4.18
C LEU C 13 31.73 -1.97 -3.06
N ASP C 14 32.60 -0.97 -3.25
CA ASP C 14 32.82 0.00 -2.18
C ASP C 14 31.51 0.70 -1.79
N ARG C 15 30.56 0.80 -2.73
CA ARG C 15 29.25 1.37 -2.45
C ARG C 15 28.56 0.68 -1.28
N PHE C 16 28.83 -0.61 -1.08
CA PHE C 16 28.11 -1.42 -0.10
C PHE C 16 28.94 -1.78 1.13
N ARG C 17 30.22 -1.43 1.16
CA ARG C 17 31.07 -1.79 2.28
C ARG C 17 30.72 -1.00 3.53
N LEU C 18 30.95 -1.62 4.69
CA LEU C 18 30.61 -1.01 5.96
C LEU C 18 31.84 -0.76 6.83
N ASP C 19 33.03 -0.65 6.22
CA ASP C 19 34.25 -0.41 6.98
CA ASP C 19 34.24 -0.43 7.00
C ASP C 19 34.12 0.84 7.83
N GLY C 20 34.60 0.79 9.06
CA GLY C 20 34.56 1.93 9.95
C GLY C 20 33.23 2.17 10.62
N ARG C 21 32.21 1.37 10.33
CA ARG C 21 30.90 1.47 10.95
C ARG C 21 30.71 0.32 11.92
N ARG C 22 29.89 0.54 12.94
CA ARG C 22 29.55 -0.50 13.91
C ARG C 22 28.05 -0.72 13.91
N ALA C 23 27.64 -2.00 13.88
CA ALA C 23 26.23 -2.37 13.85
C ALA C 23 25.84 -3.13 15.11
N LEU C 24 24.75 -2.70 15.76
CA LEU C 24 24.18 -3.46 16.87
C LEU C 24 22.93 -4.19 16.37
N ILE C 25 22.85 -5.50 16.63
CA ILE C 25 21.69 -6.29 16.18
C ILE C 25 21.00 -6.81 17.44
N THR C 26 19.77 -6.36 17.70
CA THR C 26 19.10 -6.84 18.90
C THR C 26 18.65 -8.29 18.75
N GLY C 27 18.66 -9.02 19.87
CA GLY C 27 18.23 -10.42 19.82
C GLY C 27 19.05 -11.26 18.86
N SER C 28 20.36 -11.06 18.84
CA SER C 28 21.19 -11.75 17.85
C SER C 28 21.91 -12.98 18.45
N GLY C 29 21.39 -13.53 19.54
CA GLY C 29 21.93 -14.78 20.08
C GLY C 29 21.65 -16.01 19.23
N ARG C 30 20.67 -15.92 18.33
CA ARG C 30 20.27 -17.03 17.47
C ARG C 30 19.37 -16.47 16.37
N GLY C 31 19.00 -17.33 15.43
CA GLY C 31 17.98 -16.95 14.44
C GLY C 31 18.45 -15.90 13.44
N ILE C 32 17.47 -15.15 12.90
CA ILE C 32 17.78 -14.17 11.85
C ILE C 32 18.77 -13.13 12.36
N GLY C 33 18.65 -12.74 13.63
CA GLY C 33 19.58 -11.76 14.18
C GLY C 33 21.03 -12.20 14.10
N LEU C 34 21.29 -13.47 14.42
CA LEU C 34 22.65 -13.98 14.32
C LEU C 34 23.12 -13.97 12.85
N THR C 35 22.23 -14.37 11.93
CA THR C 35 22.57 -14.37 10.51
C THR C 35 22.89 -12.97 10.02
N LEU C 36 22.08 -11.97 10.40
CA LEU C 36 22.34 -10.60 9.95
C LEU C 36 23.64 -10.07 10.57
N ALA C 37 23.90 -10.39 11.82
CA ALA C 37 25.18 -9.98 12.40
C ALA C 37 26.34 -10.51 11.57
N ARG C 38 26.29 -11.79 11.17
CA ARG C 38 27.39 -12.34 10.38
C ARG C 38 27.49 -11.65 9.03
N GLY C 39 26.35 -11.40 8.39
CA GLY C 39 26.36 -10.78 7.07
C GLY C 39 26.91 -9.37 7.10
N LEU C 40 26.53 -8.59 8.12
CA LEU C 40 27.02 -7.21 8.24
C LEU C 40 28.51 -7.21 8.54
N ALA C 41 28.97 -8.14 9.39
CA ALA C 41 30.41 -8.26 9.65
C ALA C 41 31.16 -8.62 8.37
N GLU C 42 30.58 -9.50 7.53
CA GLU C 42 31.27 -9.85 6.30
C GLU C 42 31.37 -8.67 5.35
N ALA C 43 30.43 -7.74 5.43
CA ALA C 43 30.49 -6.52 4.62
C ALA C 43 31.43 -5.48 5.21
N GLY C 44 32.00 -5.74 6.38
CA GLY C 44 33.04 -4.91 6.95
C GLY C 44 32.69 -4.20 8.24
N ALA C 45 31.44 -4.31 8.73
CA ALA C 45 31.09 -3.65 9.98
C ALA C 45 31.68 -4.37 11.19
N ALA C 46 32.04 -3.60 12.21
CA ALA C 46 32.15 -4.17 13.55
C ALA C 46 30.74 -4.47 14.03
N ILE C 47 30.55 -5.55 14.78
CA ILE C 47 29.18 -5.88 15.18
C ILE C 47 29.08 -5.98 16.71
N VAL C 48 27.84 -5.91 17.18
CA VAL C 48 27.51 -6.01 18.60
C VAL C 48 26.41 -7.05 18.75
N ILE C 49 26.72 -8.14 19.45
CA ILE C 49 25.75 -9.16 19.80
C ILE C 49 24.95 -8.69 21.00
N ASN C 50 23.62 -8.80 20.92
CA ASN C 50 22.73 -8.51 22.05
C ASN C 50 21.98 -9.78 22.42
N ASP C 51 21.97 -10.09 23.72
CA ASP C 51 21.19 -11.16 24.32
C ASP C 51 20.85 -10.70 25.73
N ARG C 52 19.79 -11.25 26.30
CA ARG C 52 19.49 -10.96 27.70
C ARG C 52 20.47 -11.64 28.65
N ASN C 53 21.15 -12.69 28.19
CA ASN C 53 22.11 -13.44 29.00
C ASN C 53 23.53 -13.01 28.65
N GLU C 54 24.25 -12.43 29.62
CA GLU C 54 25.58 -11.89 29.36
C GLU C 54 26.56 -12.95 28.89
N GLU C 55 26.55 -14.12 29.53
CA GLU C 55 27.48 -15.16 29.12
C GLU C 55 27.24 -15.57 27.68
N LYS C 56 25.97 -15.70 27.29
CA LYS C 56 25.69 -16.10 25.91
C LYS C 56 26.15 -15.02 24.92
N ALA C 57 25.80 -13.76 25.18
CA ALA C 57 26.18 -12.69 24.28
C ALA C 57 27.70 -12.56 24.17
N ALA C 58 28.38 -12.56 25.32
CA ALA C 58 29.82 -12.37 25.32
C ALA C 58 30.54 -13.55 24.66
N THR C 59 30.04 -14.75 24.86
CA THR C 59 30.69 -15.92 24.26
C THR C 59 30.48 -15.94 22.75
N LEU C 60 29.28 -15.58 22.29
CA LEU C 60 29.06 -15.47 20.85
C LEU C 60 29.96 -14.39 20.23
N ALA C 61 30.08 -13.23 20.90
CA ALA C 61 30.99 -12.20 20.39
C ALA C 61 32.41 -12.74 20.28
N ARG C 62 32.84 -13.50 21.29
CA ARG C 62 34.18 -14.11 21.23
CA ARG C 62 34.18 -14.08 21.22
C ARG C 62 34.32 -15.02 20.01
N ARG C 63 33.29 -15.82 19.72
CA ARG C 63 33.38 -16.70 18.54
C ARG C 63 33.44 -15.91 17.23
N PHE C 64 32.78 -14.75 17.16
CA PHE C 64 32.96 -13.85 16.02
C PHE C 64 34.40 -13.34 15.94
N ARG C 65 34.99 -12.99 17.09
CA ARG C 65 36.36 -12.47 17.06
C ARG C 65 37.34 -13.55 16.63
N ASP C 66 37.11 -14.79 17.09
CA ASP C 66 37.92 -15.91 16.63
C ASP C 66 37.89 -16.06 15.10
N GLU C 67 36.78 -15.68 14.47
CA GLU C 67 36.64 -15.73 13.02
C GLU C 67 37.08 -14.42 12.34
N GLY C 68 37.85 -13.58 13.04
CA GLY C 68 38.45 -12.44 12.39
C GLY C 68 37.56 -11.23 12.27
N PHE C 69 36.40 -11.24 12.92
CA PHE C 69 35.49 -10.11 12.90
C PHE C 69 35.73 -9.22 14.11
N ALA C 70 35.50 -7.92 13.94
CA ALA C 70 35.44 -7.05 15.11
C ALA C 70 34.07 -7.20 15.74
N ALA C 71 34.04 -7.53 17.03
CA ALA C 71 32.77 -7.89 17.65
C ALA C 71 32.82 -7.62 19.14
N ASP C 72 31.71 -7.07 19.67
CA ASP C 72 31.54 -6.82 21.10
C ASP C 72 30.12 -7.27 21.47
N HIS C 73 29.70 -7.00 22.71
CA HIS C 73 28.36 -7.39 23.10
C HIS C 73 27.73 -6.31 23.99
N ALA C 74 26.39 -6.35 24.05
CA ALA C 74 25.64 -5.42 24.87
C ALA C 74 24.41 -6.16 25.39
N VAL C 75 24.22 -6.16 26.71
CA VAL C 75 23.19 -6.99 27.34
C VAL C 75 22.01 -6.13 27.77
N PHE C 76 20.82 -6.51 27.30
CA PHE C 76 19.58 -5.86 27.74
C PHE C 76 18.39 -6.64 27.21
N ASP C 77 17.26 -6.47 27.91
CA ASP C 77 15.92 -6.88 27.50
C ASP C 77 15.31 -5.68 26.77
N VAL C 78 14.99 -5.84 25.48
CA VAL C 78 14.56 -4.70 24.69
C VAL C 78 13.30 -4.07 25.26
N ALA C 79 12.54 -4.80 26.07
CA ALA C 79 11.26 -4.28 26.57
C ALA C 79 11.43 -3.31 27.74
N GLU C 80 12.63 -3.23 28.32
CA GLU C 80 12.89 -2.43 29.52
C GLU C 80 13.54 -1.11 29.14
N HIS C 81 12.74 -0.03 29.16
CA HIS C 81 13.18 1.24 28.59
C HIS C 81 14.46 1.76 29.26
N ALA C 82 14.42 1.93 30.58
CA ALA C 82 15.56 2.53 31.27
C ALA C 82 16.78 1.60 31.25
N GLN C 83 16.54 0.28 31.30
CA GLN C 83 17.64 -0.68 31.24
C GLN C 83 18.36 -0.63 29.90
N VAL C 84 17.59 -0.54 28.82
CA VAL C 84 18.17 -0.38 27.48
C VAL C 84 18.98 0.90 27.41
N ARG C 85 18.40 2.01 27.85
CA ARG C 85 19.13 3.28 27.73
C ARG C 85 20.43 3.24 28.50
N ALA C 86 20.40 2.68 29.71
CA ALA C 86 21.63 2.58 30.50
C ALA C 86 22.69 1.76 29.79
N ALA C 87 22.27 0.63 29.19
CA ALA C 87 23.22 -0.27 28.53
C ALA C 87 23.78 0.35 27.26
N ILE C 88 22.92 1.03 26.48
CA ILE C 88 23.38 1.69 25.26
C ILE C 88 24.34 2.83 25.59
N ASP C 89 23.97 3.68 26.54
CA ASP C 89 24.86 4.77 26.94
C ASP C 89 26.20 4.25 27.46
N GLU C 90 26.18 3.16 28.27
CA GLU C 90 27.42 2.58 28.75
CA GLU C 90 27.42 2.58 28.75
C GLU C 90 28.26 2.05 27.62
N PHE C 91 27.62 1.40 26.63
CA PHE C 91 28.36 0.83 25.51
C PHE C 91 29.00 1.94 24.68
N GLU C 92 28.23 3.01 24.40
CA GLU C 92 28.76 4.10 23.61
C GLU C 92 29.97 4.75 24.28
N ALA C 93 29.94 4.87 25.60
CA ALA C 93 31.04 5.52 26.30
C ALA C 93 32.26 4.61 26.42
N ARG C 94 32.06 3.30 26.60
CA ARG C 94 33.16 2.40 26.88
C ARG C 94 33.72 1.69 25.66
N VAL C 95 32.89 1.35 24.67
CA VAL C 95 33.34 0.66 23.46
C VAL C 95 33.37 1.61 22.26
N GLY C 96 32.28 2.31 21.98
CA GLY C 96 32.28 3.30 20.93
C GLY C 96 30.93 3.42 20.24
N ALA C 97 30.94 4.21 19.15
CA ALA C 97 29.73 4.60 18.45
C ALA C 97 29.02 3.41 17.82
N ILE C 98 27.69 3.43 17.89
CA ILE C 98 26.82 2.50 17.15
C ILE C 98 26.25 3.28 15.96
N ASP C 99 26.64 2.88 14.74
CA ASP C 99 26.26 3.59 13.52
C ASP C 99 25.09 2.97 12.78
N ILE C 100 24.81 1.69 13.06
CA ILE C 100 23.77 0.91 12.38
C ILE C 100 23.05 0.15 13.48
N LEU C 101 21.74 0.27 13.54
CA LEU C 101 20.94 -0.47 14.51
C LEU C 101 19.99 -1.37 13.76
N VAL C 102 20.01 -2.68 14.05
CA VAL C 102 19.03 -3.61 13.50
C VAL C 102 18.10 -4.01 14.64
N ASN C 103 16.84 -3.55 14.58
CA ASN C 103 15.83 -3.90 15.61
C ASN C 103 15.21 -5.23 15.21
N ASN C 104 15.83 -6.32 15.67
CA ASN C 104 15.50 -7.68 15.26
C ASN C 104 14.77 -8.49 16.32
N ALA C 105 15.02 -8.25 17.62
CA ALA C 105 14.38 -9.04 18.68
C ALA C 105 12.86 -9.05 18.50
N GLY C 106 12.28 -10.25 18.59
CA GLY C 106 10.84 -10.39 18.41
C GLY C 106 10.37 -11.75 18.86
N ILE C 107 9.06 -11.81 19.16
CA ILE C 107 8.42 -13.06 19.57
C ILE C 107 7.11 -13.23 18.79
N GLN C 108 6.58 -14.45 18.84
CA GLN C 108 5.32 -14.81 18.18
C GLN C 108 4.49 -15.64 19.15
N ARG C 109 3.18 -15.40 19.20
CA ARG C 109 2.26 -16.19 20.02
C ARG C 109 0.96 -16.30 19.22
N ARG C 110 0.52 -17.51 18.92
CA ARG C 110 -0.57 -17.70 17.96
C ARG C 110 -1.84 -18.20 18.66
N ALA C 111 -2.96 -17.54 18.37
CA ALA C 111 -4.29 -17.95 18.83
C ALA C 111 -5.34 -17.10 18.13
N PRO C 112 -6.54 -17.61 17.89
CA PRO C 112 -7.60 -16.74 17.38
C PRO C 112 -7.77 -15.53 18.29
N LEU C 113 -8.10 -14.39 17.70
CA LEU C 113 -8.06 -13.16 18.47
C LEU C 113 -9.09 -13.16 19.59
N ASP C 114 -10.21 -13.87 19.41
CA ASP C 114 -11.24 -13.90 20.45
C ASP C 114 -10.82 -14.75 21.65
N ALA C 115 -9.79 -15.57 21.47
CA ALA C 115 -9.25 -16.41 22.53
C ALA C 115 -7.93 -15.89 23.08
N PHE C 116 -7.42 -14.79 22.56
CA PHE C 116 -6.06 -14.36 22.89
C PHE C 116 -5.96 -13.95 24.36
N GLU C 117 -4.95 -14.50 25.05
CA GLU C 117 -4.75 -14.18 26.46
C GLU C 117 -4.13 -12.79 26.58
N PRO C 118 -4.63 -11.94 27.49
CA PRO C 118 -4.03 -10.61 27.62
C PRO C 118 -2.55 -10.63 27.97
N ASP C 119 -2.06 -11.64 28.70
CA ASP C 119 -0.62 -11.71 28.97
C ASP C 119 0.17 -11.89 27.69
N ASP C 120 -0.37 -12.68 26.74
CA ASP C 120 0.34 -12.87 25.48
C ASP C 120 0.26 -11.62 24.61
N TRP C 121 -0.90 -10.95 24.59
CA TRP C 121 -1.02 -9.68 23.90
C TRP C 121 0.05 -8.72 24.42
N HIS C 122 0.13 -8.61 25.74
CA HIS C 122 1.05 -7.68 26.37
C HIS C 122 2.51 -8.04 26.05
N ALA C 123 2.85 -9.34 26.11
CA ALA C 123 4.23 -9.74 25.82
C ALA C 123 4.63 -9.38 24.39
N LEU C 124 3.74 -9.61 23.43
CA LEU C 124 4.04 -9.23 22.04
C LEU C 124 4.26 -7.73 21.93
N MET C 125 3.39 -6.93 22.55
CA MET C 125 3.54 -5.48 22.47
C MET C 125 4.87 -5.02 23.06
N ARG C 126 5.22 -5.58 24.22
CA ARG C 126 6.43 -5.16 24.91
C ARG C 126 7.68 -5.45 24.09
N VAL C 127 7.78 -6.64 23.50
CA VAL C 127 9.01 -6.99 22.79
C VAL C 127 9.02 -6.37 21.41
N ASN C 128 7.97 -6.60 20.64
CA ASN C 128 7.99 -6.28 19.22
C ASN C 128 7.77 -4.81 18.91
N LEU C 129 7.15 -4.06 19.83
CA LEU C 129 6.81 -2.67 19.61
C LEU C 129 7.50 -1.76 20.62
N ASP C 130 7.26 -1.89 21.93
CA ASP C 130 8.02 -1.10 22.89
C ASP C 130 9.52 -1.26 22.67
N GLY C 131 9.96 -2.48 22.36
CA GLY C 131 11.38 -2.76 22.27
C GLY C 131 12.06 -2.00 21.14
N VAL C 132 11.37 -1.90 19.98
CA VAL C 132 11.86 -1.10 18.85
C VAL C 132 12.01 0.36 19.25
N PHE C 133 11.00 0.92 19.93
CA PHE C 133 11.11 2.28 20.45
C PHE C 133 12.27 2.41 21.43
N ASN C 134 12.36 1.50 22.39
CA ASN C 134 13.34 1.64 23.46
C ASN C 134 14.76 1.66 22.92
N VAL C 135 15.10 0.74 22.02
CA VAL C 135 16.47 0.69 21.52
C VAL C 135 16.71 1.80 20.50
N ALA C 136 15.74 2.06 19.63
CA ALA C 136 15.94 3.12 18.64
C ALA C 136 16.12 4.47 19.30
N GLN C 137 15.31 4.78 20.34
CA GLN C 137 15.47 6.09 20.97
C GLN C 137 16.85 6.21 21.61
N ALA C 138 17.29 5.16 22.32
CA ALA C 138 18.56 5.23 23.04
C ALA C 138 19.73 5.40 22.09
N VAL C 139 19.72 4.65 20.98
CA VAL C 139 20.82 4.75 20.00
C VAL C 139 20.73 6.07 19.23
N ALA C 140 19.51 6.48 18.86
CA ALA C 140 19.39 7.64 17.99
C ALA C 140 19.89 8.91 18.65
N ARG C 141 19.79 9.03 19.99
CA ARG C 141 20.37 10.20 20.65
C ARG C 141 21.83 10.38 20.23
N HIS C 142 22.55 9.26 20.14
CA HIS C 142 23.98 9.31 19.81
C HIS C 142 24.17 9.53 18.32
N MET C 143 23.36 8.87 17.49
CA MET C 143 23.47 9.05 16.04
C MET C 143 23.19 10.49 15.65
N ILE C 144 22.20 11.12 16.30
CA ILE C 144 21.86 12.51 16.02
C ILE C 144 23.02 13.42 16.35
N ALA C 145 23.68 13.17 17.48
CA ALA C 145 24.84 13.98 17.85
C ALA C 145 25.95 13.85 16.84
N ARG C 146 26.08 12.67 16.21
CA ARG C 146 27.10 12.49 15.19
C ARG C 146 26.65 12.98 13.82
N GLY C 147 25.35 13.12 13.59
CA GLY C 147 24.85 13.54 12.28
C GLY C 147 24.80 12.46 11.22
N HIS C 148 24.76 11.18 11.61
CA HIS C 148 24.61 10.09 10.64
C HIS C 148 24.23 8.82 11.38
N GLY C 149 23.44 7.99 10.71
CA GLY C 149 23.13 6.68 11.28
C GLY C 149 22.18 5.93 10.38
N LYS C 150 22.12 4.62 10.60
CA LYS C 150 21.20 3.73 9.88
C LYS C 150 20.38 2.97 10.90
N ILE C 151 19.06 2.91 10.69
CA ILE C 151 18.21 2.09 11.55
C ILE C 151 17.43 1.16 10.64
N ILE C 152 17.47 -0.14 10.93
CA ILE C 152 16.79 -1.16 10.14
C ILE C 152 15.86 -1.92 11.08
N ASN C 153 14.55 -1.79 10.88
CA ASN C 153 13.57 -2.44 11.75
C ASN C 153 13.03 -3.68 11.07
N ILE C 154 13.10 -4.84 11.76
CA ILE C 154 12.68 -6.08 11.13
C ILE C 154 11.17 -6.19 11.23
N CYS C 155 10.51 -6.19 10.07
CA CYS C 155 9.06 -6.24 9.94
C CYS C 155 8.62 -7.68 9.63
N SER C 156 7.66 -7.89 8.73
CA SER C 156 7.09 -9.21 8.45
C SER C 156 6.14 -9.02 7.29
N VAL C 157 5.82 -10.13 6.61
CA VAL C 157 4.64 -10.16 5.74
C VAL C 157 3.43 -9.57 6.45
N GLN C 158 3.31 -9.80 7.77
CA GLN C 158 2.18 -9.30 8.54
C GLN C 158 2.23 -7.80 8.83
N SER C 159 3.24 -7.09 8.31
CA SER C 159 3.16 -5.63 8.16
C SER C 159 2.20 -5.21 7.06
N GLU C 160 1.75 -6.15 6.22
CA GLU C 160 0.85 -5.83 5.11
C GLU C 160 -0.34 -6.77 5.01
N LEU C 161 -0.14 -8.08 5.16
CA LEU C 161 -1.21 -9.06 4.91
C LEU C 161 -1.40 -9.91 6.15
N ALA C 162 -2.66 -10.10 6.56
CA ALA C 162 -2.95 -10.81 7.79
C ALA C 162 -3.03 -12.31 7.55
N ARG C 163 -2.73 -13.09 8.59
CA ARG C 163 -2.98 -14.52 8.60
C ARG C 163 -3.79 -14.87 9.84
N PRO C 164 -4.71 -15.83 9.77
CA PRO C 164 -5.46 -16.20 10.98
C PRO C 164 -4.51 -16.66 12.08
N THR C 165 -4.89 -16.35 13.31
CA THR C 165 -4.26 -16.66 14.59
C THR C 165 -3.08 -15.75 14.93
N ILE C 166 -2.69 -14.80 14.08
CA ILE C 166 -1.56 -13.95 14.46
C ILE C 166 -1.93 -12.49 14.29
N ALA C 167 -3.17 -12.14 14.65
CA ALA C 167 -3.57 -10.74 14.60
C ALA C 167 -2.75 -9.84 15.53
N PRO C 168 -2.42 -10.24 16.78
CA PRO C 168 -1.62 -9.32 17.61
C PRO C 168 -0.21 -9.11 17.06
N TYR C 169 0.43 -10.16 16.57
CA TYR C 169 1.72 -10.00 15.90
C TYR C 169 1.60 -9.06 14.71
N ALA C 170 0.54 -9.21 13.92
CA ALA C 170 0.37 -8.32 12.79
C ALA C 170 0.22 -6.88 13.26
N ALA C 171 -0.51 -6.66 14.35
CA ALA C 171 -0.59 -5.30 14.88
C ALA C 171 0.80 -4.77 15.23
N THR C 172 1.66 -5.58 15.88
CA THR C 172 2.99 -5.07 16.20
C THR C 172 3.79 -4.77 14.94
N LYS C 173 3.64 -5.59 13.89
CA LYS C 173 4.48 -5.38 12.71
C LYS C 173 3.94 -4.27 11.81
N GLY C 174 2.63 -4.04 11.80
CA GLY C 174 2.10 -2.81 11.21
C GLY C 174 2.54 -1.57 11.96
N ALA C 175 2.59 -1.65 13.31
CA ALA C 175 3.10 -0.55 14.11
C ALA C 175 4.55 -0.25 13.74
N VAL C 176 5.38 -1.29 13.61
CA VAL C 176 6.80 -1.05 13.34
C VAL C 176 6.99 -0.45 11.95
N ARG C 177 6.19 -0.88 10.98
CA ARG C 177 6.25 -0.29 9.65
C ARG C 177 5.96 1.21 9.71
N MET C 178 4.93 1.62 10.45
CA MET C 178 4.64 3.05 10.53
C MET C 178 5.65 3.78 11.42
N LEU C 179 6.10 3.14 12.52
CA LEU C 179 7.12 3.77 13.35
C LEU C 179 8.37 4.07 12.54
N THR C 180 8.68 3.20 11.57
CA THR C 180 9.82 3.42 10.69
C THR C 180 9.65 4.71 9.89
N LYS C 181 8.45 4.92 9.33
CA LYS C 181 8.20 6.18 8.62
C LYS C 181 8.31 7.36 9.58
N GLY C 182 7.90 7.18 10.83
CA GLY C 182 7.98 8.26 11.80
C GLY C 182 9.41 8.58 12.20
N MET C 183 10.27 7.56 12.31
CA MET C 183 11.69 7.80 12.53
C MET C 183 12.29 8.60 11.38
N CYS C 184 11.92 8.27 10.14
CA CYS C 184 12.39 9.07 9.01
C CYS C 184 11.89 10.51 9.13
N ALA C 185 10.61 10.69 9.47
CA ALA C 185 10.06 12.04 9.52
C ALA C 185 10.80 12.90 10.54
N ASP C 186 11.18 12.31 11.68
CA ASP C 186 11.84 13.10 12.72
C ASP C 186 13.35 13.18 12.54
N TRP C 187 13.97 12.19 11.91
CA TRP C 187 15.43 12.07 12.00
C TRP C 187 16.17 12.13 10.67
N ALA C 188 15.48 12.13 9.53
CA ALA C 188 16.18 12.31 8.26
C ALA C 188 17.00 13.59 8.24
N ARG C 189 16.50 14.65 8.91
CA ARG C 189 17.18 15.94 8.99
C ARG C 189 18.51 15.83 9.70
N TYR C 190 18.74 14.75 10.43
CA TYR C 190 19.99 14.55 11.15
C TYR C 190 20.90 13.53 10.48
N GLY C 191 20.61 13.16 9.23
CA GLY C 191 21.44 12.22 8.51
C GLY C 191 21.20 10.76 8.84
N ILE C 192 20.03 10.44 9.39
CA ILE C 192 19.65 9.08 9.72
C ILE C 192 18.68 8.57 8.67
N GLN C 193 18.95 7.38 8.13
CA GLN C 193 17.96 6.69 7.30
C GLN C 193 17.39 5.55 8.11
N ALA C 194 16.07 5.51 8.25
CA ALA C 194 15.37 4.48 9.00
C ALA C 194 14.48 3.75 8.02
N ASN C 195 14.67 2.44 7.90
CA ASN C 195 13.94 1.64 6.93
C ASN C 195 13.55 0.32 7.56
N GLY C 196 12.55 -0.32 6.97
CA GLY C 196 12.14 -1.66 7.37
C GLY C 196 12.64 -2.74 6.43
N LEU C 197 12.90 -3.92 7.00
CA LEU C 197 13.23 -5.10 6.22
C LEU C 197 12.19 -6.14 6.64
N ALA C 198 11.30 -6.52 5.72
CA ALA C 198 10.22 -7.44 6.06
C ALA C 198 10.50 -8.82 5.47
N PRO C 199 10.95 -9.80 6.27
CA PRO C 199 11.13 -11.14 5.73
C PRO C 199 9.78 -11.80 5.45
N GLY C 200 9.79 -12.71 4.46
CA GLY C 200 8.69 -13.64 4.26
C GLY C 200 8.77 -14.78 5.25
N TYR C 201 9.00 -16.01 4.80
CA TYR C 201 8.94 -17.18 5.66
C TYR C 201 10.28 -17.92 5.67
N PHE C 202 10.82 -18.12 6.87
CA PHE C 202 12.13 -18.70 7.09
C PHE C 202 12.08 -19.70 8.24
N GLU C 203 12.92 -20.72 8.15
CA GLU C 203 12.95 -21.78 9.16
CA GLU C 203 12.97 -21.80 9.13
C GLU C 203 13.82 -21.34 10.33
N THR C 204 13.21 -20.70 11.30
CA THR C 204 13.84 -20.42 12.59
C THR C 204 12.96 -21.02 13.67
N GLU C 205 13.43 -20.95 14.93
CA GLU C 205 12.60 -21.43 16.04
CA GLU C 205 12.60 -21.45 16.01
C GLU C 205 11.29 -20.66 16.14
N LEU C 206 11.25 -19.41 15.68
CA LEU C 206 9.99 -18.67 15.68
C LEU C 206 8.91 -19.47 14.98
N ASN C 207 9.30 -20.16 13.91
CA ASN C 207 8.37 -20.81 13.00
C ASN C 207 8.47 -22.33 13.05
N ARG C 208 8.97 -22.88 14.17
CA ARG C 208 9.09 -24.32 14.29
C ARG C 208 7.76 -25.04 14.04
N ALA C 209 6.67 -24.52 14.60
CA ALA C 209 5.38 -25.18 14.45
C ALA C 209 4.92 -25.23 13.00
N LEU C 210 5.31 -24.23 12.20
CA LEU C 210 4.94 -24.16 10.79
C LEU C 210 5.82 -25.08 9.96
N VAL C 211 7.13 -25.06 10.21
CA VAL C 211 8.05 -25.98 9.52
C VAL C 211 7.63 -27.43 9.74
N ASP C 212 7.22 -27.78 10.96
CA ASP C 212 6.86 -29.16 11.28
C ASP C 212 5.46 -29.55 10.80
N ASP C 213 4.72 -28.64 10.18
CA ASP C 213 3.35 -28.90 9.72
C ASP C 213 3.40 -29.06 8.21
N ALA C 214 3.32 -30.32 7.74
CA ALA C 214 3.43 -30.58 6.30
C ALA C 214 2.35 -29.84 5.50
N ALA C 215 1.13 -29.80 6.03
CA ALA C 215 0.06 -29.08 5.36
C ALA C 215 0.37 -27.59 5.21
N PHE C 216 0.92 -26.97 6.27
CA PHE C 216 1.28 -25.56 6.16
C PHE C 216 2.39 -25.36 5.14
N SER C 217 3.44 -26.19 5.21
CA SER C 217 4.55 -26.07 4.27
CA SER C 217 4.55 -26.06 4.27
C SER C 217 4.07 -26.22 2.83
N ASP C 218 3.21 -27.21 2.58
CA ASP C 218 2.65 -27.38 1.24
C ASP C 218 1.89 -26.12 0.81
N TRP C 219 1.06 -25.57 1.70
CA TRP C 219 0.34 -24.33 1.39
C TRP C 219 1.31 -23.20 1.08
N LEU C 220 2.37 -23.07 1.89
CA LEU C 220 3.29 -21.96 1.71
C LEU C 220 4.00 -22.04 0.36
N CYS C 221 4.41 -23.25 -0.03
CA CYS C 221 5.13 -23.37 -1.30
C CYS C 221 4.24 -23.04 -2.49
N LYS C 222 2.93 -23.32 -2.40
CA LYS C 222 2.00 -22.91 -3.45
C LYS C 222 1.67 -21.43 -3.40
N ARG C 223 1.65 -20.86 -2.19
CA ARG C 223 1.30 -19.45 -1.99
C ARG C 223 2.42 -18.50 -2.43
N THR C 224 3.65 -18.97 -2.37
CA THR C 224 4.83 -18.16 -2.65
C THR C 224 5.22 -18.31 -4.12
N PRO C 225 5.26 -17.22 -4.90
CA PRO C 225 5.69 -17.35 -6.31
C PRO C 225 7.00 -18.10 -6.48
N ALA C 226 7.98 -17.84 -5.60
CA ALA C 226 9.26 -18.54 -5.64
C ALA C 226 9.14 -20.03 -5.35
N GLY C 227 8.05 -20.46 -4.71
CA GLY C 227 7.74 -21.87 -4.57
C GLY C 227 8.44 -22.58 -3.44
N ARG C 228 8.96 -21.85 -2.46
CA ARG C 228 9.78 -22.44 -1.42
C ARG C 228 9.85 -21.51 -0.23
N TRP C 229 10.27 -22.06 0.91
CA TRP C 229 10.70 -21.24 2.03
C TRP C 229 11.93 -20.41 1.63
N GLY C 230 12.10 -19.26 2.27
CA GLY C 230 13.36 -18.57 2.18
C GLY C 230 14.43 -19.23 3.03
N GLN C 231 15.68 -18.92 2.73
CA GLN C 231 16.82 -19.34 3.54
CA GLN C 231 16.83 -19.33 3.53
C GLN C 231 17.43 -18.09 4.17
N VAL C 232 17.84 -18.19 5.45
CA VAL C 232 18.11 -16.97 6.21
C VAL C 232 19.20 -16.12 5.59
N ASP C 233 20.20 -16.73 4.94
CA ASP C 233 21.23 -15.91 4.32
C ASP C 233 20.69 -15.02 3.22
N GLU C 234 19.47 -15.28 2.72
CA GLU C 234 18.90 -14.45 1.66
C GLU C 234 18.40 -13.12 2.16
N LEU C 235 18.48 -12.88 3.48
CA LEU C 235 18.16 -11.58 4.07
C LEU C 235 19.39 -10.68 4.21
N CYS C 236 20.60 -11.22 4.07
CA CYS C 236 21.80 -10.42 4.33
C CYS C 236 21.96 -9.30 3.31
N GLY C 237 21.65 -9.58 2.04
CA GLY C 237 21.85 -8.57 1.02
C GLY C 237 21.04 -7.32 1.31
N ALA C 238 19.75 -7.50 1.62
CA ALA C 238 18.89 -6.35 1.92
C ALA C 238 19.40 -5.59 3.13
N ALA C 239 19.87 -6.30 4.15
CA ALA C 239 20.38 -5.64 5.35
C ALA C 239 21.64 -4.85 5.05
N ILE C 240 22.56 -5.42 4.26
CA ILE C 240 23.78 -4.71 3.90
C ILE C 240 23.45 -3.47 3.06
N PHE C 241 22.51 -3.61 2.11
CA PHE C 241 22.10 -2.48 1.31
C PHE C 241 21.55 -1.33 2.18
N LEU C 242 20.60 -1.64 3.06
CA LEU C 242 19.99 -0.62 3.91
C LEU C 242 20.95 -0.08 4.96
N ALA C 243 22.06 -0.77 5.24
CA ALA C 243 23.04 -0.26 6.20
C ALA C 243 24.14 0.58 5.55
N SER C 244 24.24 0.57 4.22
CA SER C 244 25.40 1.10 3.51
C SER C 244 25.09 2.44 2.84
N ALA C 245 26.15 3.06 2.31
CA ALA C 245 25.95 4.31 1.58
C ALA C 245 25.17 4.10 0.30
N ALA C 246 25.06 2.86 -0.17
CA ALA C 246 24.27 2.57 -1.38
C ALA C 246 22.80 2.93 -1.20
N SER C 247 22.30 3.08 0.04
CA SER C 247 20.90 3.40 0.30
C SER C 247 20.73 4.75 0.99
N ASP C 248 21.67 5.67 0.81
CA ASP C 248 21.58 6.94 1.54
C ASP C 248 20.35 7.78 1.17
N PHE C 249 19.77 7.59 -0.03
CA PHE C 249 18.55 8.28 -0.43
C PHE C 249 17.31 7.38 -0.30
N VAL C 250 17.42 6.27 0.44
CA VAL C 250 16.29 5.41 0.77
C VAL C 250 15.92 5.70 2.22
N ASN C 251 14.67 6.12 2.47
CA ASN C 251 14.31 6.50 3.83
C ASN C 251 12.82 6.25 4.02
N GLY C 252 12.48 5.75 5.20
CA GLY C 252 11.08 5.50 5.55
C GLY C 252 10.43 4.33 4.84
N GLN C 253 11.20 3.51 4.12
CA GLN C 253 10.64 2.43 3.30
C GLN C 253 10.71 1.10 4.02
N THR C 254 9.82 0.17 3.66
CA THR C 254 9.96 -1.21 4.09
C THR C 254 10.11 -2.09 2.87
N LEU C 255 11.23 -2.85 2.81
CA LEU C 255 11.58 -3.73 1.70
C LEU C 255 11.19 -5.16 2.09
N PHE C 256 10.28 -5.76 1.31
CA PHE C 256 9.83 -7.12 1.58
C PHE C 256 10.74 -8.11 0.86
N VAL C 257 11.23 -9.11 1.59
CA VAL C 257 12.12 -10.16 1.05
C VAL C 257 11.39 -11.48 1.25
N ASP C 258 10.53 -11.85 0.27
CA ASP C 258 9.50 -12.85 0.57
C ASP C 258 9.22 -13.74 -0.63
N GLY C 259 10.11 -13.76 -1.63
CA GLY C 259 9.90 -14.63 -2.76
C GLY C 259 8.67 -14.30 -3.56
N GLY C 260 8.13 -13.08 -3.38
CA GLY C 260 6.94 -12.66 -4.11
C GLY C 260 5.62 -12.77 -3.36
N LEU C 261 5.62 -13.30 -2.13
CA LEU C 261 4.35 -13.63 -1.45
C LEU C 261 3.40 -12.44 -1.41
N THR C 262 3.87 -11.28 -0.93
CA THR C 262 2.96 -10.14 -0.79
C THR C 262 2.56 -9.50 -2.11
N SER C 263 3.17 -9.89 -3.24
CA SER C 263 2.77 -9.29 -4.50
C SER C 263 1.65 -10.04 -5.22
N ALA C 264 1.26 -11.22 -4.73
CA ALA C 264 0.35 -12.10 -5.45
C ALA C 264 -0.82 -12.51 -4.57
N VAL C 265 -1.90 -12.91 -5.24
CA VAL C 265 -2.99 -13.58 -4.53
C VAL C 265 -2.53 -14.99 -4.16
N MET D 9 -39.31 0.46 -4.88
CA MET D 9 -38.13 0.22 -5.70
C MET D 9 -36.95 1.02 -5.18
N THR D 10 -36.51 0.70 -3.96
CA THR D 10 -35.39 1.40 -3.36
C THR D 10 -34.48 0.44 -2.59
N HIS D 11 -34.59 -0.87 -2.87
CA HIS D 11 -33.84 -1.91 -2.18
C HIS D 11 -32.42 -1.49 -1.80
N ALA D 12 -31.59 -1.15 -2.81
CA ALA D 12 -30.18 -0.90 -2.56
C ALA D 12 -29.97 0.25 -1.57
N LEU D 13 -30.92 1.17 -1.47
CA LEU D 13 -30.80 2.29 -0.55
C LEU D 13 -31.23 1.90 0.87
N ASP D 14 -32.26 1.06 0.99
CA ASP D 14 -32.64 0.58 2.32
C ASP D 14 -31.54 -0.26 2.96
N ARG D 15 -30.49 -0.61 2.21
CA ARG D 15 -29.38 -1.34 2.78
C ARG D 15 -28.52 -0.50 3.71
N PHE D 16 -28.73 0.83 3.77
CA PHE D 16 -27.98 1.67 4.70
C PHE D 16 -28.68 1.85 6.03
N ARG D 17 -29.95 1.43 6.17
CA ARG D 17 -30.69 1.59 7.42
C ARG D 17 -30.10 0.70 8.51
N LEU D 18 -30.07 1.21 9.74
CA LEU D 18 -29.54 0.45 10.86
C LEU D 18 -30.63 0.04 11.87
N ASP D 19 -31.89 0.10 11.47
CA ASP D 19 -32.97 -0.26 12.38
C ASP D 19 -32.80 -1.69 12.89
N GLY D 20 -33.04 -1.88 14.19
CA GLY D 20 -32.90 -3.18 14.81
C GLY D 20 -31.49 -3.53 15.26
N ARG D 21 -30.52 -2.67 14.97
CA ARG D 21 -29.13 -2.87 15.34
CA ARG D 21 -29.13 -2.87 15.34
C ARG D 21 -28.74 -1.94 16.49
N ARG D 22 -27.83 -2.39 17.34
CA ARG D 22 -27.29 -1.55 18.43
C ARG D 22 -25.82 -1.29 18.21
N ALA D 23 -25.41 -0.03 18.35
CA ALA D 23 -24.03 0.39 18.12
C ALA D 23 -23.44 0.95 19.41
N LEU D 24 -22.26 0.45 19.78
CA LEU D 24 -21.47 1.00 20.87
C LEU D 24 -20.34 1.83 20.27
N ILE D 25 -20.17 3.05 20.74
CA ILE D 25 -19.10 3.94 20.26
C ILE D 25 -18.20 4.24 21.46
N THR D 26 -16.95 3.78 21.42
CA THR D 26 -16.09 4.07 22.56
C THR D 26 -15.66 5.54 22.55
N GLY D 27 -15.44 6.08 23.74
CA GLY D 27 -15.06 7.48 23.83
C GLY D 27 -16.00 8.44 23.15
N SER D 28 -17.32 8.24 23.31
CA SER D 28 -18.31 9.07 22.64
C SER D 28 -18.85 10.19 23.54
N GLY D 29 -18.09 10.56 24.58
CA GLY D 29 -18.45 11.69 25.42
C GLY D 29 -18.31 13.03 24.71
N ARG D 30 -17.49 13.11 23.65
CA ARG D 30 -17.23 14.36 22.94
C ARG D 30 -16.52 14.00 21.65
N GLY D 31 -16.27 15.01 20.80
CA GLY D 31 -15.49 14.81 19.60
C GLY D 31 -16.15 13.98 18.51
N ILE D 32 -15.31 13.33 17.70
CA ILE D 32 -15.78 12.49 16.60
C ILE D 32 -16.72 11.39 17.10
N GLY D 33 -16.40 10.76 18.23
CA GLY D 33 -17.25 9.68 18.72
C GLY D 33 -18.68 10.12 18.98
N LEU D 34 -18.85 11.30 19.59
CA LEU D 34 -20.20 11.83 19.83
C LEU D 34 -20.90 12.15 18.51
N THR D 35 -20.17 12.72 17.55
CA THR D 35 -20.75 12.96 16.22
C THR D 35 -21.21 11.65 15.59
N LEU D 36 -20.36 10.62 15.63
CA LEU D 36 -20.69 9.34 15.01
C LEU D 36 -21.85 8.67 15.72
N ALA D 37 -21.92 8.78 17.05
CA ALA D 37 -23.07 8.25 17.78
C ALA D 37 -24.38 8.84 17.26
N ARG D 38 -24.44 10.16 17.13
CA ARG D 38 -25.64 10.80 16.60
C ARG D 38 -25.92 10.34 15.17
N GLY D 39 -24.89 10.28 14.32
CA GLY D 39 -25.11 9.87 12.94
C GLY D 39 -25.67 8.46 12.85
N LEU D 40 -25.13 7.54 13.65
CA LEU D 40 -25.65 6.18 13.63
C LEU D 40 -27.08 6.12 14.17
N ALA D 41 -27.37 6.88 15.23
CA ALA D 41 -28.74 6.92 15.76
C ALA D 41 -29.72 7.46 14.73
N GLU D 42 -29.29 8.49 13.97
CA GLU D 42 -30.16 9.03 12.93
C GLU D 42 -30.46 7.99 11.86
N ALA D 43 -29.51 7.07 11.62
CA ALA D 43 -29.72 6.02 10.62
C ALA D 43 -30.51 4.84 11.18
N GLY D 44 -30.95 4.93 12.44
CA GLY D 44 -31.86 3.96 13.00
C GLY D 44 -31.27 3.09 14.09
N ALA D 45 -29.97 3.19 14.38
CA ALA D 45 -29.36 2.34 15.39
C ALA D 45 -29.77 2.78 16.80
N ALA D 46 -29.97 1.79 17.68
CA ALA D 46 -29.90 2.06 19.11
C ALA D 46 -28.43 2.29 19.43
N ILE D 47 -28.12 3.26 20.29
CA ILE D 47 -26.71 3.57 20.52
C ILE D 47 -26.35 3.39 22.00
N VAL D 48 -25.05 3.19 22.24
CA VAL D 48 -24.50 3.06 23.58
C VAL D 48 -23.36 4.07 23.67
N ILE D 49 -23.54 5.07 24.53
CA ILE D 49 -22.50 6.05 24.83
C ILE D 49 -21.51 5.43 25.81
N ASN D 50 -20.23 5.61 25.54
CA ASN D 50 -19.16 5.18 26.44
C ASN D 50 -18.34 6.39 26.84
N ASP D 51 -18.06 6.52 28.13
CA ASP D 51 -17.18 7.52 28.71
C ASP D 51 -16.62 6.90 29.97
N ARG D 52 -15.47 7.40 30.41
CA ARG D 52 -14.95 6.96 31.71
C ARG D 52 -15.72 7.57 32.88
N ASN D 53 -16.45 8.64 32.64
CA ASN D 53 -17.20 9.34 33.68
CA ASN D 53 -17.20 9.36 33.66
C ASN D 53 -18.65 8.88 33.60
N GLU D 54 -19.08 8.18 34.66
CA GLU D 54 -20.44 7.64 34.70
C GLU D 54 -21.49 8.73 34.51
N GLU D 55 -21.34 9.88 35.19
CA GLU D 55 -22.38 10.90 35.11
C GLU D 55 -22.46 11.49 33.71
N LYS D 56 -21.31 11.67 33.06
CA LYS D 56 -21.34 12.24 31.72
C LYS D 56 -22.02 11.31 30.73
N ALA D 57 -21.69 10.02 30.78
CA ALA D 57 -22.30 9.07 29.87
C ALA D 57 -23.81 8.95 30.11
N ALA D 58 -24.20 8.90 31.39
CA ALA D 58 -25.63 8.81 31.70
C ALA D 58 -26.38 10.05 31.21
N THR D 59 -25.80 11.24 31.35
CA THR D 59 -26.49 12.45 30.91
C THR D 59 -26.66 12.46 29.39
N LEU D 60 -25.61 12.07 28.67
CA LEU D 60 -25.69 12.05 27.21
C LEU D 60 -26.71 11.06 26.72
N ALA D 61 -26.75 9.85 27.31
CA ALA D 61 -27.74 8.87 26.90
C ALA D 61 -29.15 9.38 27.15
N ARG D 62 -29.37 10.01 28.31
CA ARG D 62 -30.70 10.53 28.62
C ARG D 62 -31.11 11.61 27.61
N ARG D 63 -30.18 12.48 27.23
CA ARG D 63 -30.53 13.53 26.29
C ARG D 63 -30.84 12.97 24.91
N PHE D 64 -30.11 11.94 24.49
CA PHE D 64 -30.45 11.26 23.24
C PHE D 64 -31.86 10.68 23.31
N ARG D 65 -32.21 10.06 24.44
CA ARG D 65 -33.55 9.53 24.58
C ARG D 65 -34.59 10.64 24.51
N ASP D 66 -34.29 11.81 25.08
CA ASP D 66 -35.21 12.95 25.06
C ASP D 66 -35.49 13.41 23.63
N GLU D 67 -34.54 13.19 22.72
CA GLU D 67 -34.70 13.54 21.32
C GLU D 67 -35.37 12.45 20.50
N GLY D 68 -35.77 11.34 21.14
CA GLY D 68 -36.49 10.28 20.49
C GLY D 68 -35.65 9.11 20.03
N PHE D 69 -34.35 9.09 20.33
CA PHE D 69 -33.50 7.97 19.96
C PHE D 69 -33.52 6.90 21.04
N ALA D 70 -33.13 5.69 20.66
CA ALA D 70 -32.90 4.64 21.64
C ALA D 70 -31.45 4.73 22.06
N ALA D 71 -31.21 4.96 23.35
CA ALA D 71 -29.84 5.12 23.80
C ALA D 71 -29.67 4.58 25.22
N ASP D 72 -28.48 4.06 25.47
CA ASP D 72 -28.06 3.59 26.78
C ASP D 72 -26.60 3.97 26.94
N HIS D 73 -25.96 3.50 28.02
CA HIS D 73 -24.55 3.83 28.20
C HIS D 73 -23.81 2.67 28.85
N ALA D 74 -22.49 2.67 28.67
CA ALA D 74 -21.64 1.63 29.25
C ALA D 74 -20.32 2.27 29.60
N VAL D 75 -19.96 2.26 30.88
CA VAL D 75 -18.85 3.05 31.39
C VAL D 75 -17.65 2.14 31.55
N PHE D 76 -16.53 2.53 30.93
CA PHE D 76 -15.28 1.81 31.13
C PHE D 76 -14.16 2.65 30.51
N ASP D 77 -12.96 2.39 31.02
CA ASP D 77 -11.69 2.88 30.47
C ASP D 77 -11.22 1.84 29.45
N VAL D 78 -11.07 2.24 28.17
CA VAL D 78 -10.79 1.22 27.17
C VAL D 78 -9.48 0.48 27.44
N ALA D 79 -8.56 1.09 28.17
CA ALA D 79 -7.25 0.49 28.42
C ALA D 79 -7.27 -0.63 29.45
N GLU D 80 -8.37 -0.82 30.16
CA GLU D 80 -8.43 -1.75 31.30
C GLU D 80 -9.13 -3.02 30.81
N HIS D 81 -8.35 -4.06 30.53
CA HIS D 81 -8.88 -5.23 29.84
C HIS D 81 -10.01 -5.90 30.62
N ALA D 82 -9.78 -6.20 31.91
CA ALA D 82 -10.81 -6.90 32.67
C ALA D 82 -12.04 -6.05 32.88
N GLN D 83 -11.86 -4.76 33.14
CA GLN D 83 -12.97 -3.86 33.39
C GLN D 83 -13.86 -3.75 32.15
N VAL D 84 -13.23 -3.65 30.96
CA VAL D 84 -13.97 -3.66 29.69
C VAL D 84 -14.77 -4.95 29.55
N ARG D 85 -14.11 -6.10 29.73
CA ARG D 85 -14.82 -7.37 29.53
C ARG D 85 -16.01 -7.48 30.47
N ALA D 86 -15.83 -7.10 31.74
CA ALA D 86 -16.93 -7.20 32.69
C ALA D 86 -18.10 -6.30 32.28
N ALA D 87 -17.80 -5.07 31.84
CA ALA D 87 -18.86 -4.13 31.49
C ALA D 87 -19.61 -4.58 30.24
N ILE D 88 -18.88 -5.09 29.24
CA ILE D 88 -19.52 -5.58 28.01
C ILE D 88 -20.40 -6.79 28.31
N ASP D 89 -19.87 -7.76 29.06
CA ASP D 89 -20.67 -8.94 29.35
C ASP D 89 -21.91 -8.58 30.14
N GLU D 90 -21.77 -7.66 31.11
CA GLU D 90 -22.91 -7.29 31.93
C GLU D 90 -23.99 -6.61 31.09
N PHE D 91 -23.56 -5.73 30.17
CA PHE D 91 -24.51 -5.02 29.31
C PHE D 91 -25.21 -5.99 28.36
N GLU D 92 -24.45 -6.89 27.75
CA GLU D 92 -25.00 -7.89 26.82
C GLU D 92 -26.11 -8.69 27.48
N ALA D 93 -25.93 -9.07 28.74
CA ALA D 93 -26.95 -9.86 29.42
C ALA D 93 -28.11 -9.00 29.89
N ARG D 94 -27.83 -7.80 30.40
CA ARG D 94 -28.89 -7.01 31.04
C ARG D 94 -29.71 -6.25 30.01
N VAL D 95 -29.06 -5.67 29.02
CA VAL D 95 -29.69 -4.78 28.04
C VAL D 95 -29.86 -5.46 26.69
N GLY D 96 -28.82 -6.10 26.18
CA GLY D 96 -28.96 -6.88 24.96
C GLY D 96 -27.75 -6.77 24.05
N ALA D 97 -27.92 -7.33 22.85
CA ALA D 97 -26.82 -7.52 21.92
C ALA D 97 -26.25 -6.20 21.41
N ILE D 98 -24.92 -6.16 21.30
CA ILE D 98 -24.21 -5.08 20.62
C ILE D 98 -23.81 -5.60 19.24
N ASP D 99 -24.34 -4.97 18.19
CA ASP D 99 -24.15 -5.45 16.82
C ASP D 99 -23.11 -4.68 16.04
N ILE D 100 -22.80 -3.46 16.47
CA ILE D 100 -21.85 -2.56 15.82
C ILE D 100 -20.94 -2.01 16.89
N LEU D 101 -19.62 -2.10 16.67
CA LEU D 101 -18.64 -1.52 17.59
C LEU D 101 -17.80 -0.50 16.83
N VAL D 102 -17.78 0.75 17.32
CA VAL D 102 -16.89 1.78 16.77
C VAL D 102 -15.81 2.01 17.82
N ASN D 103 -14.58 1.59 17.50
CA ASN D 103 -13.44 1.77 18.39
C ASN D 103 -12.87 3.16 18.09
N ASN D 104 -13.38 4.16 18.81
CA ASN D 104 -13.07 5.55 18.54
C ASN D 104 -12.15 6.18 19.59
N ALA D 105 -12.23 5.76 20.85
CA ALA D 105 -11.44 6.40 21.90
C ALA D 105 -9.98 6.47 21.50
N GLY D 106 -9.36 7.62 21.71
CA GLY D 106 -7.96 7.77 21.32
C GLY D 106 -7.39 9.06 21.89
N ILE D 107 -6.05 9.11 21.94
CA ILE D 107 -5.32 10.28 22.42
C ILE D 107 -4.17 10.59 21.48
N GLN D 108 -3.59 11.78 21.67
CA GLN D 108 -2.45 12.25 20.89
C GLN D 108 -1.47 12.92 21.85
N ARG D 109 -0.17 12.66 21.66
CA ARG D 109 0.89 13.30 22.44
C ARG D 109 2.02 13.57 21.45
N ARG D 110 2.41 14.85 21.28
CA ARG D 110 3.36 15.22 20.25
C ARG D 110 4.73 15.60 20.82
N ALA D 111 5.81 15.09 20.21
CA ALA D 111 7.20 15.40 20.57
C ALA D 111 8.15 14.69 19.61
N PRO D 112 9.30 15.27 19.28
CA PRO D 112 10.29 14.53 18.50
C PRO D 112 10.62 13.20 19.17
N LEU D 113 10.80 12.17 18.35
CA LEU D 113 10.88 10.82 18.92
C LEU D 113 12.09 10.65 19.85
N ASP D 114 13.18 11.38 19.61
CA ASP D 114 14.33 11.23 20.50
C ASP D 114 14.10 11.87 21.87
N ALA D 115 13.08 12.72 22.01
CA ALA D 115 12.75 13.32 23.30
C ALA D 115 11.47 12.76 23.89
N PHE D 116 10.86 11.77 23.24
CA PHE D 116 9.54 11.29 23.66
C PHE D 116 9.60 10.65 25.04
N GLU D 117 8.66 11.05 25.91
CA GLU D 117 8.68 10.52 27.26
C GLU D 117 8.09 9.11 27.28
N PRO D 118 8.70 8.17 28.00
CA PRO D 118 8.15 6.82 28.02
C PRO D 118 6.74 6.78 28.59
N ASP D 119 6.40 7.67 29.53
CA ASP D 119 5.01 7.70 30.03
C ASP D 119 4.03 8.06 28.92
N ASP D 120 4.42 8.92 27.98
CA ASP D 120 3.54 9.31 26.88
C ASP D 120 3.46 8.20 25.84
N TRP D 121 4.58 7.54 25.56
CA TRP D 121 4.56 6.34 24.73
C TRP D 121 3.55 5.33 25.29
N HIS D 122 3.70 5.01 26.57
CA HIS D 122 2.85 4.01 27.21
C HIS D 122 1.37 4.42 27.17
N ALA D 123 1.08 5.69 27.40
CA ALA D 123 -0.33 6.13 27.39
C ALA D 123 -0.94 5.94 26.02
N LEU D 124 -0.20 6.30 24.97
CA LEU D 124 -0.70 6.13 23.61
C LEU D 124 -0.94 4.66 23.29
N MET D 125 0.02 3.78 23.64
CA MET D 125 -0.18 2.35 23.39
C MET D 125 -1.41 1.84 24.14
N ARG D 126 -1.58 2.25 25.39
CA ARG D 126 -2.68 1.69 26.19
C ARG D 126 -4.05 2.08 25.62
N VAL D 127 -4.23 3.34 25.23
CA VAL D 127 -5.55 3.78 24.75
C VAL D 127 -5.74 3.38 23.30
N ASN D 128 -4.78 3.74 22.45
CA ASN D 128 -5.01 3.67 21.01
C ASN D 128 -4.87 2.25 20.48
N LEU D 129 -4.16 1.38 21.19
CA LEU D 129 -3.88 0.04 20.68
C LEU D 129 -4.42 -1.03 21.64
N ASP D 130 -3.96 -1.09 22.91
CA ASP D 130 -4.59 -2.02 23.86
C ASP D 130 -6.11 -1.83 23.88
N GLY D 131 -6.57 -0.56 23.86
CA GLY D 131 -7.99 -0.28 23.97
C GLY D 131 -8.81 -0.92 22.86
N VAL D 132 -8.30 -0.85 21.62
CA VAL D 132 -8.99 -1.44 20.48
C VAL D 132 -9.11 -2.95 20.66
N PHE D 133 -8.01 -3.60 21.07
CA PHE D 133 -8.05 -5.02 21.37
C PHE D 133 -9.06 -5.32 22.49
N ASN D 134 -9.01 -4.54 23.57
CA ASN D 134 -9.80 -4.87 24.76
C ASN D 134 -11.29 -4.87 24.44
N VAL D 135 -11.75 -3.82 23.76
CA VAL D 135 -13.17 -3.74 23.48
C VAL D 135 -13.57 -4.66 22.32
N ALA D 136 -12.75 -4.74 21.26
CA ALA D 136 -13.08 -5.64 20.16
C ALA D 136 -13.16 -7.09 20.63
N GLN D 137 -12.20 -7.55 21.45
CA GLN D 137 -12.26 -8.94 21.91
C GLN D 137 -13.53 -9.18 22.72
N ALA D 138 -13.86 -8.25 23.62
CA ALA D 138 -14.99 -8.45 24.51
C ALA D 138 -16.29 -8.48 23.72
N VAL D 139 -16.45 -7.57 22.76
CA VAL D 139 -17.69 -7.51 22.00
C VAL D 139 -17.73 -8.62 20.96
N ALA D 140 -16.59 -8.94 20.33
CA ALA D 140 -16.61 -9.96 19.28
C ALA D 140 -16.98 -11.33 19.79
N ARG D 141 -16.65 -11.67 21.06
CA ARG D 141 -17.07 -12.97 21.58
C ARG D 141 -18.56 -13.15 21.40
N HIS D 142 -19.33 -12.10 21.65
CA HIS D 142 -20.78 -12.15 21.52
C HIS D 142 -21.22 -12.12 20.06
N MET D 143 -20.59 -11.27 19.25
CA MET D 143 -20.97 -11.17 17.84
C MET D 143 -20.68 -12.47 17.09
N ILE D 144 -19.50 -13.06 17.33
CA ILE D 144 -19.15 -14.33 16.70
C ILE D 144 -20.18 -15.39 17.03
N ALA D 145 -20.59 -15.44 18.30
CA ALA D 145 -21.53 -16.45 18.72
C ALA D 145 -22.87 -16.27 18.03
N ARG D 146 -23.28 -15.00 17.83
CA ARG D 146 -24.51 -14.74 17.10
C ARG D 146 -24.38 -14.94 15.60
N GLY D 147 -23.16 -14.86 15.06
CA GLY D 147 -22.94 -15.01 13.64
C GLY D 147 -23.12 -13.75 12.81
N HIS D 148 -23.09 -12.57 13.43
CA HIS D 148 -23.14 -11.32 12.67
C HIS D 148 -22.64 -10.18 13.53
N GLY D 149 -21.97 -9.20 12.89
CA GLY D 149 -21.49 -8.06 13.63
C GLY D 149 -20.62 -7.16 12.76
N LYS D 150 -20.47 -5.90 13.15
CA LYS D 150 -19.66 -4.92 12.44
C LYS D 150 -18.70 -4.32 13.46
N ILE D 151 -17.43 -4.26 13.09
CA ILE D 151 -16.44 -3.59 13.91
C ILE D 151 -15.77 -2.53 13.04
N ILE D 152 -15.78 -1.28 13.51
CA ILE D 152 -15.24 -0.14 12.77
C ILE D 152 -14.16 0.48 13.64
N ASN D 153 -12.89 0.40 13.21
CA ASN D 153 -11.79 0.93 14.01
C ASN D 153 -11.35 2.27 13.46
N ILE D 154 -11.33 3.31 14.30
CA ILE D 154 -10.99 4.64 13.81
C ILE D 154 -9.48 4.73 13.68
N CYS D 155 -9.01 4.93 12.45
CA CYS D 155 -7.59 4.96 12.15
C CYS D 155 -7.16 6.42 12.01
N SER D 156 -6.37 6.74 10.98
CA SER D 156 -5.81 8.09 10.83
C SER D 156 -5.02 8.12 9.51
N VAL D 157 -4.75 9.34 9.02
CA VAL D 157 -3.76 9.49 7.95
C VAL D 157 -2.44 8.84 8.36
N GLN D 158 -2.13 8.87 9.67
CA GLN D 158 -0.91 8.27 10.18
C GLN D 158 -0.97 6.74 10.22
N SER D 159 -2.05 6.14 9.72
CA SER D 159 -2.01 4.72 9.36
C SER D 159 -1.22 4.45 8.10
N GLU D 160 -0.84 5.49 7.37
CA GLU D 160 -0.13 5.34 6.10
C GLU D 160 1.05 6.32 5.98
N LEU D 161 0.88 7.58 6.38
CA LEU D 161 1.89 8.62 6.15
C LEU D 161 2.29 9.28 7.47
N ALA D 162 3.58 9.45 7.67
CA ALA D 162 4.09 10.01 8.93
C ALA D 162 4.13 11.52 8.88
N ARG D 163 4.11 12.13 10.07
CA ARG D 163 4.32 13.55 10.23
C ARG D 163 5.30 13.72 11.39
N PRO D 164 6.22 14.69 11.31
CA PRO D 164 7.15 14.88 12.44
C PRO D 164 6.40 15.15 13.74
N THR D 165 6.97 14.65 14.83
CA THR D 165 6.56 14.74 16.24
C THR D 165 5.42 13.80 16.60
N ILE D 166 4.87 13.01 15.66
CA ILE D 166 3.81 12.07 16.07
C ILE D 166 4.15 10.64 15.64
N ALA D 167 5.42 10.25 15.76
CA ALA D 167 5.78 8.88 15.40
C ALA D 167 5.11 7.84 16.29
N PRO D 168 4.97 8.04 17.61
CA PRO D 168 4.29 6.99 18.40
C PRO D 168 2.82 6.84 18.05
N TYR D 169 2.12 7.95 17.86
CA TYR D 169 0.73 7.86 17.40
C TYR D 169 0.63 7.12 16.07
N ALA D 170 1.52 7.43 15.14
CA ALA D 170 1.55 6.68 13.88
C ALA D 170 1.75 5.19 14.12
N ALA D 171 2.66 4.82 15.03
CA ALA D 171 2.79 3.40 15.36
C ALA D 171 1.44 2.81 15.80
N THR D 172 0.70 3.52 16.66
CA THR D 172 -0.57 2.94 17.11
C THR D 172 -1.55 2.81 15.96
N LYS D 173 -1.55 3.77 15.05
CA LYS D 173 -2.58 3.74 13.99
C LYS D 173 -2.19 2.77 12.89
N GLY D 174 -0.90 2.59 12.63
CA GLY D 174 -0.47 1.50 11.78
C GLY D 174 -0.81 0.16 12.39
N ALA D 175 -0.67 0.05 13.72
CA ALA D 175 -1.08 -1.18 14.41
C ALA D 175 -2.56 -1.44 14.23
N VAL D 176 -3.39 -0.41 14.40
CA VAL D 176 -4.84 -0.61 14.30
C VAL D 176 -5.23 -1.00 12.88
N ARG D 177 -4.55 -0.45 11.87
CA ARG D 177 -4.85 -0.83 10.50
C ARG D 177 -4.57 -2.30 10.25
N MET D 178 -3.44 -2.81 10.73
CA MET D 178 -3.16 -4.24 10.57
C MET D 178 -4.04 -5.09 11.49
N LEU D 179 -4.31 -4.62 12.71
CA LEU D 179 -5.18 -5.39 13.60
C LEU D 179 -6.56 -5.56 12.97
N THR D 180 -7.02 -4.55 12.23
CA THR D 180 -8.26 -4.67 11.48
C THR D 180 -8.20 -5.83 10.48
N LYS D 181 -7.09 -5.94 9.72
CA LYS D 181 -6.98 -7.06 8.78
C LYS D 181 -6.97 -8.38 9.54
N GLY D 182 -6.33 -8.41 10.71
CA GLY D 182 -6.31 -9.65 11.50
C GLY D 182 -7.69 -10.03 12.03
N MET D 183 -8.49 -9.02 12.41
CA MET D 183 -9.85 -9.29 12.85
C MET D 183 -10.64 -9.93 11.72
N CYS D 184 -10.49 -9.41 10.50
CA CYS D 184 -11.13 -10.01 9.34
C CYS D 184 -10.64 -11.44 9.13
N ALA D 185 -9.33 -11.66 9.23
CA ALA D 185 -8.79 -12.99 8.98
C ALA D 185 -9.34 -14.01 9.95
N ASP D 186 -9.52 -13.62 11.23
CA ASP D 186 -10.05 -14.57 12.22
C ASP D 186 -11.56 -14.68 12.20
N TRP D 187 -12.27 -13.60 11.85
CA TRP D 187 -13.69 -13.50 12.18
C TRP D 187 -14.63 -13.37 10.99
N ALA D 188 -14.12 -13.09 9.79
CA ALA D 188 -15.00 -12.98 8.63
C ALA D 188 -15.79 -14.27 8.44
N ARG D 189 -15.18 -15.41 8.78
CA ARG D 189 -15.86 -16.70 8.64
C ARG D 189 -17.09 -16.81 9.52
N TYR D 190 -17.18 -16.00 10.59
CA TYR D 190 -18.31 -16.01 11.51
C TYR D 190 -19.30 -14.89 11.23
N GLY D 191 -19.21 -14.24 10.07
CA GLY D 191 -20.18 -13.20 9.75
C GLY D 191 -19.86 -11.83 10.30
N ILE D 192 -18.62 -11.59 10.72
CA ILE D 192 -18.17 -10.29 11.20
C ILE D 192 -17.46 -9.56 10.05
N GLN D 193 -17.80 -8.30 9.84
CA GLN D 193 -17.00 -7.43 8.97
C GLN D 193 -16.27 -6.44 9.87
N ALA D 194 -14.94 -6.47 9.81
CA ALA D 194 -14.09 -5.57 10.59
C ALA D 194 -13.37 -4.68 9.60
N ASN D 195 -13.55 -3.37 9.73
CA ASN D 195 -12.96 -2.42 8.78
C ASN D 195 -12.45 -1.21 9.55
N GLY D 196 -11.56 -0.44 8.90
CA GLY D 196 -11.00 0.76 9.47
C GLY D 196 -11.63 1.97 8.80
N LEU D 197 -11.78 3.05 9.56
CA LEU D 197 -12.22 4.34 9.06
CA LEU D 197 -12.22 4.34 9.04
C LEU D 197 -11.15 5.34 9.44
N ALA D 198 -10.42 5.86 8.45
CA ALA D 198 -9.27 6.73 8.71
C ALA D 198 -9.62 8.18 8.38
N PRO D 199 -9.95 9.02 9.35
CA PRO D 199 -10.20 10.43 9.05
C PRO D 199 -8.91 11.10 8.63
N GLY D 200 -9.06 12.15 7.81
CA GLY D 200 -7.99 13.09 7.57
C GLY D 200 -7.88 14.10 8.70
N TYR D 201 -8.04 15.39 8.41
CA TYR D 201 -7.85 16.43 9.43
C TYR D 201 -9.15 17.13 9.75
N PHE D 202 -9.51 17.12 11.05
CA PHE D 202 -10.75 17.68 11.55
C PHE D 202 -10.48 18.50 12.80
N GLU D 203 -11.28 19.55 12.98
CA GLU D 203 -11.10 20.50 14.09
C GLU D 203 -11.80 19.99 15.35
N THR D 204 -11.15 19.07 16.04
CA THR D 204 -11.56 18.64 17.37
C THR D 204 -10.51 19.05 18.40
N GLU D 205 -10.82 18.83 19.68
CA GLU D 205 -9.85 19.16 20.72
C GLU D 205 -8.56 18.35 20.57
N LEU D 206 -8.63 17.16 19.96
CA LEU D 206 -7.41 16.40 19.68
C LEU D 206 -6.40 17.25 18.95
N ASN D 207 -6.88 18.10 18.03
CA ASN D 207 -6.05 18.88 17.13
C ASN D 207 -6.11 20.38 17.44
N ARG D 208 -6.39 20.74 18.69
CA ARG D 208 -6.50 22.15 19.05
C ARG D 208 -5.23 22.92 18.70
N ALA D 209 -4.05 22.35 19.02
CA ALA D 209 -2.81 23.06 18.73
C ALA D 209 -2.62 23.29 17.25
N LEU D 210 -3.20 22.43 16.42
CA LEU D 210 -3.09 22.56 14.96
C LEU D 210 -4.07 23.59 14.44
N VAL D 211 -5.33 23.49 14.87
CA VAL D 211 -6.35 24.46 14.47
C VAL D 211 -5.91 25.88 14.78
N ASP D 212 -5.27 26.08 15.93
CA ASP D 212 -4.87 27.40 16.40
C ASP D 212 -3.62 27.94 15.72
N ASP D 213 -3.02 27.20 14.79
CA ASP D 213 -1.75 27.58 14.14
C ASP D 213 -2.04 27.84 12.67
N ALA D 214 -2.12 29.13 12.31
CA ALA D 214 -2.48 29.47 10.94
C ALA D 214 -1.47 28.95 9.92
N ALA D 215 -0.19 28.78 10.32
CA ALA D 215 0.79 28.21 9.40
C ALA D 215 0.51 26.75 9.15
N PHE D 216 0.10 26.00 10.18
CA PHE D 216 -0.28 24.62 9.94
C PHE D 216 -1.51 24.55 9.03
N SER D 217 -2.51 25.37 9.30
CA SER D 217 -3.70 25.37 8.45
CA SER D 217 -3.69 25.38 8.45
C SER D 217 -3.34 25.70 7.01
N ASP D 218 -2.44 26.67 6.80
CA ASP D 218 -2.04 27.00 5.42
C ASP D 218 -1.39 25.81 4.75
N TRP D 219 -0.50 25.12 5.47
CA TRP D 219 0.13 23.92 4.94
C TRP D 219 -0.91 22.85 4.61
N LEU D 220 -1.85 22.63 5.53
CA LEU D 220 -2.85 21.58 5.34
C LEU D 220 -3.70 21.84 4.11
N CYS D 221 -4.16 23.09 3.94
CA CYS D 221 -5.04 23.40 2.83
C CYS D 221 -4.33 23.26 1.50
N LYS D 222 -3.04 23.57 1.46
CA LYS D 222 -2.26 23.35 0.25
C LYS D 222 -1.93 21.88 0.04
N ARG D 223 -1.79 21.10 1.13
CA ARG D 223 -1.44 19.68 1.05
C ARG D 223 -2.64 18.80 0.66
N THR D 224 -3.85 19.27 0.91
CA THR D 224 -5.06 18.49 0.74
C THR D 224 -5.68 18.85 -0.61
N PRO D 225 -5.88 17.89 -1.53
CA PRO D 225 -6.51 18.25 -2.80
C PRO D 225 -7.83 18.98 -2.63
N ALA D 226 -8.65 18.61 -1.63
CA ALA D 226 -9.91 19.31 -1.39
C ALA D 226 -9.72 20.74 -0.91
N GLY D 227 -8.53 21.08 -0.41
CA GLY D 227 -8.18 22.46 -0.10
C GLY D 227 -8.71 22.99 1.21
N ARG D 228 -9.07 22.12 2.16
CA ARG D 228 -9.75 22.54 3.38
C ARG D 228 -9.63 21.46 4.44
N TRP D 229 -9.86 21.86 5.70
CA TRP D 229 -10.15 20.91 6.77
C TRP D 229 -11.43 20.14 6.46
N GLY D 230 -11.52 18.91 6.93
CA GLY D 230 -12.82 18.24 6.95
C GLY D 230 -13.70 18.79 8.06
N GLN D 231 -15.01 18.55 7.93
CA GLN D 231 -15.98 18.82 8.99
C GLN D 231 -16.49 17.49 9.53
N VAL D 232 -16.68 17.40 10.86
CA VAL D 232 -16.84 16.07 11.46
C VAL D 232 -18.08 15.35 10.93
N ASP D 233 -19.12 16.08 10.50
CA ASP D 233 -20.28 15.40 9.94
C ASP D 233 -19.95 14.63 8.67
N GLU D 234 -18.85 14.98 7.99
CA GLU D 234 -18.44 14.29 6.78
C GLU D 234 -17.89 12.89 7.06
N LEU D 235 -17.80 12.50 8.33
CA LEU D 235 -17.38 11.15 8.66
C LEU D 235 -18.57 10.20 8.85
N CYS D 236 -19.78 10.75 9.00
CA CYS D 236 -20.93 9.92 9.37
C CYS D 236 -21.32 8.98 8.25
N GLY D 237 -21.28 9.46 7.01
CA GLY D 237 -21.67 8.59 5.90
C GLY D 237 -20.84 7.33 5.84
N ALA D 238 -19.52 7.48 5.99
CA ALA D 238 -18.64 6.33 5.96
C ALA D 238 -18.94 5.37 7.11
N ALA D 239 -19.22 5.91 8.30
CA ALA D 239 -19.49 5.04 9.44
C ALA D 239 -20.78 4.27 9.25
N ILE D 240 -21.84 4.95 8.80
CA ILE D 240 -23.12 4.28 8.54
C ILE D 240 -22.94 3.19 7.47
N PHE D 241 -22.25 3.52 6.37
CA PHE D 241 -21.95 2.52 5.33
C PHE D 241 -21.29 1.28 5.91
N LEU D 242 -20.22 1.46 6.70
CA LEU D 242 -19.46 0.34 7.25
C LEU D 242 -20.23 -0.37 8.35
N ALA D 243 -21.27 0.24 8.88
CA ALA D 243 -22.10 -0.37 9.92
C ALA D 243 -23.32 -1.11 9.37
N SER D 244 -23.57 -0.99 8.07
CA SER D 244 -24.84 -1.40 7.48
C SER D 244 -24.68 -2.60 6.55
N ALA D 245 -25.82 -3.11 6.08
CA ALA D 245 -25.79 -4.25 5.18
C ALA D 245 -25.18 -3.87 3.84
N ALA D 246 -25.14 -2.57 3.53
CA ALA D 246 -24.57 -2.11 2.28
C ALA D 246 -23.10 -2.47 2.14
N SER D 247 -22.42 -2.85 3.25
CA SER D 247 -21.00 -3.18 3.26
C SER D 247 -20.73 -4.62 3.70
N ASP D 248 -21.70 -5.53 3.50
CA ASP D 248 -21.53 -6.88 4.01
C ASP D 248 -20.35 -7.62 3.36
N PHE D 249 -19.95 -7.25 2.14
CA PHE D 249 -18.80 -7.88 1.47
C PHE D 249 -17.55 -7.00 1.51
N VAL D 250 -17.56 -5.95 2.32
CA VAL D 250 -16.36 -5.15 2.60
C VAL D 250 -15.74 -5.68 3.89
N ASN D 251 -14.48 -6.12 3.83
CA ASN D 251 -13.90 -6.70 5.03
C ASN D 251 -12.39 -6.49 5.05
N GLY D 252 -11.84 -6.11 6.21
CA GLY D 252 -10.41 -5.97 6.35
C GLY D 252 -9.82 -4.70 5.77
N GLN D 253 -10.66 -3.79 5.28
CA GLN D 253 -10.23 -2.60 4.55
C GLN D 253 -10.21 -1.38 5.47
N THR D 254 -9.37 -0.40 5.13
CA THR D 254 -9.40 0.89 5.82
C THR D 254 -9.73 1.96 4.79
N LEU D 255 -10.83 2.67 5.03
CA LEU D 255 -11.36 3.70 4.15
C LEU D 255 -10.87 5.05 4.63
N PHE D 256 -10.12 5.77 3.81
CA PHE D 256 -9.59 7.07 4.18
C PHE D 256 -10.59 8.14 3.76
N VAL D 257 -10.93 9.02 4.70
CA VAL D 257 -11.88 10.11 4.47
C VAL D 257 -11.10 11.38 4.75
N ASP D 258 -10.35 11.86 3.73
CA ASP D 258 -9.29 12.82 3.98
C ASP D 258 -9.17 13.88 2.89
N GLY D 259 -10.20 14.07 2.05
CA GLY D 259 -10.14 15.09 1.02
C GLY D 259 -9.07 14.84 -0.03
N GLY D 260 -8.56 13.61 -0.10
CA GLY D 260 -7.55 13.25 -1.08
C GLY D 260 -6.11 13.31 -0.57
N LEU D 261 -5.90 13.70 0.69
CA LEU D 261 -4.53 13.90 1.20
C LEU D 261 -3.61 12.71 0.90
N THR D 262 -4.03 11.50 1.28
CA THR D 262 -3.14 10.34 1.14
C THR D 262 -2.93 9.90 -0.30
N SER D 263 -3.70 10.41 -1.26
CA SER D 263 -3.55 10.02 -2.67
C SER D 263 -2.56 10.89 -3.42
N ALA D 264 -2.05 11.96 -2.80
CA ALA D 264 -1.31 12.99 -3.52
C ALA D 264 0.05 13.24 -2.86
N VAL D 265 0.99 13.75 -3.65
CA VAL D 265 2.20 14.34 -3.04
C VAL D 265 1.80 15.68 -2.41
#